data_6KO5
#
_entry.id   6KO5
#
_cell.length_a   253.760
_cell.length_b   44.750
_cell.length_c   94.400
_cell.angle_alpha   90.000
_cell.angle_beta   97.260
_cell.angle_gamma   90.000
#
_symmetry.space_group_name_H-M   'C 1 2 1'
#
loop_
_entity.id
_entity.type
_entity.pdbx_description
1 polymer 'Chimera of Soluble cytochrome b562 and Growth hormone secretagogue receptor type 1'
2 polymer 'Fab7881 Heavy Chain'
3 polymer 'Fab7881 Light Chain'
4 non-polymer 6-(4-bromanyl-2-fluoranyl-phenoxy)-2-methyl-3-[[(3~{S})-1-propan-2-ylpiperidin-3-yl]methyl]pyrido[3,2-d]pyrimidin-4-one
#
loop_
_entity_poly.entity_id
_entity_poly.type
_entity_poly.pdbx_seq_one_letter_code
_entity_poly.pdbx_strand_id
1 'polypeptide(L)'
;ADLEDNWETLNDNLKVIEKADNAAQVKDALTKMRAAALDAQKATPPKLEDKSPDSPEMKDFRHGFDILVGQIDDALKLAN
EGKVKEAQAAAEQLKTTRNAYIQKYLSLGDELLQLFPAPLLAGVTATCVALFVVGIAGNLLTMLVVSRFRELRTTTNLYL
SSMAFSDLLIFLCMPLDLVRLWQYRPWNFGDLLCKLFQFVSESCTYAKVLTITALSVERYFAICFPLRAKVVVTKGRVKL
VIFVIWAVAFCSAGPIFVLVGVEHEQGTDPWDTNECRPTEFAVRSGLLTVMVWVSSIFFFLPVFCLTVLYSLIGRKLWRR
RRGDAVVGASLRDQNHKQTVKMLAVVVFAFILCWLPFHVGRYLFSKSFEPGSLEIAQISQYCNLVSFVLFYLSAAINPIL
YNIMSKKYRVAVFRLLGFEPFSQR
;
A
2 'polypeptide(L)'
;EVQLQQSGAELVRPGASVKLSCKASGYTFTDYEMHWVKQTPVHGLEWIGAIDPETGGTVYNQKFKGKATLTADISSTTAY
MELRSLTSEDSAVYFCISEDIDESKDYWGQGTTLTVSSAKTTAPSVYPLAPVCGDTSGSSVTLGCLVKGYFPEPVTLTWN
SGSLSSGVHTFPAVLQSDLYTLSSSVTVTSSTWPSQSITCNVAHPASSTKVDKKIEPR
;
H
3 'polypeptide(L)'
;DIVMTQSPSSLAVSAGEKVTLSCKSSQSLFNSRTRKNYLAWYQQKPGLSPTLLIYWASTRKSGVPDRFTGSGSGTDFTLT
ITSVQAEDLAVYYCKQSYYLRTFGGGTKLEIKRADAAPTVSIFPPSSEQLTSGGASVVCFLNNFYPKDINVKWKIDGSER
QNGVLNSWTDQDSKDSTYSMSSTLTLTKDEYERHNSYTCEATHKTSTSPIVKSFNRNEC
;
L
#
loop_
_chem_comp.id
_chem_comp.type
_chem_comp.name
_chem_comp.formula
8QX non-polymer 6-(4-bromanyl-2-fluoranyl-phenoxy)-2-methyl-3-[[(3~{S})-1-propan-2-ylpiperidin-3-yl]methyl]pyrido[3,2-d]pyrimidin-4-one 'C23 H26 Br F N4 O2'
#
# COMPACT_ATOMS: atom_id res chain seq x y z
N ASP A 2 -80.40 11.05 -25.42
CA ASP A 2 -79.10 11.18 -24.76
C ASP A 2 -78.37 12.42 -25.27
N LEU A 3 -77.59 13.06 -24.39
CA LEU A 3 -76.88 14.27 -24.79
C LEU A 3 -75.82 13.99 -25.84
N GLU A 4 -75.09 12.89 -25.69
CA GLU A 4 -74.06 12.54 -26.67
C GLU A 4 -74.68 12.23 -28.02
N ASP A 5 -75.80 11.51 -28.03
CA ASP A 5 -76.48 11.19 -29.28
C ASP A 5 -77.02 12.44 -29.95
N ASN A 6 -77.64 13.33 -29.19
CA ASN A 6 -78.15 14.58 -29.76
C ASN A 6 -77.01 15.44 -30.29
N TRP A 7 -75.88 15.44 -29.59
CA TRP A 7 -74.76 16.29 -30.03
C TRP A 7 -74.12 15.75 -31.30
N GLU A 8 -73.88 14.44 -31.36
CA GLU A 8 -73.40 13.84 -32.60
C GLU A 8 -74.39 14.07 -33.74
N THR A 9 -75.69 14.07 -33.42
CA THR A 9 -76.70 14.40 -34.43
C THR A 9 -76.53 15.82 -34.93
N LEU A 10 -76.30 16.77 -34.02
CA LEU A 10 -76.12 18.16 -34.41
C LEU A 10 -74.89 18.33 -35.30
N ASN A 11 -73.76 17.76 -34.89
CA ASN A 11 -72.55 17.86 -35.70
C ASN A 11 -72.76 17.20 -37.06
N ASP A 12 -73.50 16.09 -37.09
CA ASP A 12 -73.76 15.41 -38.36
C ASP A 12 -74.57 16.29 -39.30
N ASN A 13 -75.65 16.89 -38.81
CA ASN A 13 -76.50 17.66 -39.70
C ASN A 13 -75.86 18.99 -40.10
N LEU A 14 -75.05 19.58 -39.22
CA LEU A 14 -74.26 20.74 -39.64
C LEU A 14 -73.26 20.32 -40.71
N LYS A 15 -72.69 19.13 -40.57
CA LYS A 15 -71.83 18.58 -41.61
C LYS A 15 -72.57 18.45 -42.93
N VAL A 16 -73.84 18.04 -42.88
CA VAL A 16 -74.65 17.96 -44.09
C VAL A 16 -74.86 19.35 -44.67
N ILE A 17 -75.26 20.31 -43.84
CA ILE A 17 -75.51 21.68 -44.30
C ILE A 17 -74.27 22.23 -45.01
N GLU A 18 -73.09 22.00 -44.43
CA GLU A 18 -71.86 22.51 -45.04
C GLU A 18 -71.61 21.89 -46.41
N LYS A 19 -72.05 20.63 -46.61
CA LYS A 19 -71.82 19.92 -47.86
C LYS A 19 -73.14 19.60 -48.57
N ALA A 20 -74.13 20.48 -48.43
CA ALA A 20 -75.41 20.34 -49.10
C ALA A 20 -75.56 21.43 -50.15
N ASP A 21 -76.02 21.03 -51.34
CA ASP A 21 -76.22 21.98 -52.43
C ASP A 21 -77.65 22.50 -52.48
N ASN A 22 -78.63 21.60 -52.49
CA ASN A 22 -80.02 22.01 -52.56
C ASN A 22 -80.49 22.64 -51.26
N ALA A 23 -81.39 23.60 -51.37
CA ALA A 23 -81.94 24.26 -50.18
C ALA A 23 -82.79 23.30 -49.35
N ALA A 24 -83.38 22.30 -50.00
CA ALA A 24 -84.19 21.32 -49.27
C ALA A 24 -83.35 20.57 -48.25
N GLN A 25 -82.12 20.19 -48.61
CA GLN A 25 -81.24 19.50 -47.67
C GLN A 25 -80.95 20.38 -46.45
N VAL A 26 -80.71 21.68 -46.67
CA VAL A 26 -80.50 22.59 -45.55
C VAL A 26 -81.75 22.69 -44.70
N LYS A 27 -82.93 22.66 -45.33
CA LYS A 27 -84.19 22.68 -44.60
C LYS A 27 -84.29 21.47 -43.67
N ASP A 28 -84.07 20.27 -44.22
CA ASP A 28 -84.19 19.06 -43.41
C ASP A 28 -83.17 19.04 -42.28
N ALA A 29 -81.90 19.29 -42.62
CA ALA A 29 -80.85 19.25 -41.60
C ALA A 29 -81.11 20.29 -40.51
N LEU A 30 -81.62 21.46 -40.87
CA LEU A 30 -81.91 22.48 -39.87
C LEU A 30 -83.08 22.08 -38.99
N THR A 31 -84.10 21.45 -39.57
CA THR A 31 -85.23 20.96 -38.78
C THR A 31 -84.77 19.92 -37.76
N LYS A 32 -84.00 18.93 -38.21
CA LYS A 32 -83.51 17.90 -37.30
C LYS A 32 -82.56 18.48 -36.25
N MET A 33 -81.78 19.50 -36.63
CA MET A 33 -80.93 20.17 -35.65
C MET A 33 -81.77 20.90 -34.60
N ARG A 34 -82.91 21.45 -35.01
CA ARG A 34 -83.81 22.07 -34.04
C ARG A 34 -84.36 21.02 -33.07
N ALA A 35 -84.83 19.90 -33.61
CA ALA A 35 -85.38 18.84 -32.77
C ALA A 35 -84.35 18.33 -31.76
N ALA A 36 -83.15 17.98 -32.25
CA ALA A 36 -82.11 17.48 -31.36
C ALA A 36 -81.63 18.57 -30.39
N ALA A 37 -81.73 19.84 -30.79
CA ALA A 37 -81.32 20.92 -29.91
C ALA A 37 -82.28 21.07 -28.73
N LEU A 38 -83.59 21.07 -29.00
CA LEU A 38 -84.56 21.14 -27.91
C LEU A 38 -84.50 19.89 -27.04
N ASP A 39 -84.44 18.71 -27.68
CA ASP A 39 -84.32 17.47 -26.92
C ASP A 39 -83.10 17.48 -26.02
N ALA A 40 -81.97 18.00 -26.53
CA ALA A 40 -80.77 18.13 -25.70
C ALA A 40 -80.96 19.14 -24.58
N GLN A 41 -81.71 20.21 -24.84
CA GLN A 41 -81.95 21.21 -23.80
C GLN A 41 -82.79 20.65 -22.67
N LYS A 42 -83.72 19.76 -22.97
CA LYS A 42 -84.51 19.13 -21.91
C LYS A 42 -83.63 18.29 -20.97
N ALA A 43 -82.52 17.76 -21.48
CA ALA A 43 -81.69 16.85 -20.71
C ALA A 43 -80.81 17.62 -19.72
N THR A 44 -80.47 16.94 -18.61
CA THR A 44 -79.64 17.47 -17.53
C THR A 44 -78.18 17.12 -17.79
N PRO A 45 -77.27 18.10 -17.73
CA PRO A 45 -75.85 17.79 -17.93
C PRO A 45 -75.27 17.09 -16.71
N PRO A 46 -74.18 16.34 -16.88
CA PRO A 46 -73.60 15.62 -15.72
C PRO A 46 -72.97 16.54 -14.69
N LYS A 47 -72.59 17.77 -15.07
CA LYS A 47 -71.93 18.68 -14.14
C LYS A 47 -72.90 19.49 -13.30
N LEU A 48 -74.20 19.42 -13.58
CA LEU A 48 -75.19 20.22 -12.87
C LEU A 48 -76.32 19.36 -12.29
N GLU A 49 -76.09 18.07 -12.10
CA GLU A 49 -77.14 17.21 -11.57
C GLU A 49 -77.32 17.37 -10.07
N ASP A 50 -76.24 17.70 -9.34
CA ASP A 50 -76.36 17.91 -7.90
C ASP A 50 -77.02 19.25 -7.59
N LYS A 51 -76.75 20.27 -8.38
CA LYS A 51 -77.41 21.55 -8.21
C LYS A 51 -78.90 21.43 -8.51
N SER A 52 -79.69 22.30 -7.89
CA SER A 52 -81.13 22.29 -8.09
C SER A 52 -81.47 22.73 -9.52
N PRO A 53 -82.66 22.37 -10.01
CA PRO A 53 -83.04 22.78 -11.37
C PRO A 53 -83.04 24.29 -11.58
N ASP A 54 -83.44 25.06 -10.55
CA ASP A 54 -83.49 26.52 -10.67
C ASP A 54 -82.16 27.18 -10.34
N SER A 55 -81.08 26.40 -10.25
CA SER A 55 -79.77 26.97 -9.97
C SER A 55 -79.33 27.87 -11.12
N PRO A 56 -78.52 28.89 -10.84
CA PRO A 56 -78.07 29.80 -11.92
C PRO A 56 -77.27 29.09 -13.00
N GLU A 57 -76.39 28.17 -12.63
CA GLU A 57 -75.60 27.44 -13.62
C GLU A 57 -76.49 26.75 -14.64
N MET A 58 -77.53 26.06 -14.16
CA MET A 58 -78.49 25.43 -15.05
C MET A 58 -79.13 26.44 -15.99
N LYS A 59 -79.53 27.60 -15.45
CA LYS A 59 -80.19 28.61 -16.27
C LYS A 59 -79.27 29.16 -17.35
N ASP A 60 -77.96 29.22 -17.07
CA ASP A 60 -77.01 29.62 -18.11
C ASP A 60 -76.87 28.53 -19.16
N PHE A 61 -76.70 27.27 -18.72
CA PHE A 61 -76.58 26.16 -19.66
C PHE A 61 -77.78 26.08 -20.59
N ARG A 62 -78.98 26.36 -20.07
CA ARG A 62 -80.17 26.34 -20.90
C ARG A 62 -80.32 27.62 -21.73
N HIS A 63 -79.80 28.75 -21.21
CA HIS A 63 -79.82 29.99 -21.97
C HIS A 63 -79.04 29.85 -23.26
N GLY A 64 -77.83 29.28 -23.18
CA GLY A 64 -77.07 29.01 -24.39
C GLY A 64 -77.85 28.17 -25.40
N PHE A 65 -78.62 27.20 -24.91
CA PHE A 65 -79.45 26.40 -25.80
C PHE A 65 -80.58 27.23 -26.40
N ASP A 66 -81.13 28.18 -25.65
CA ASP A 66 -82.12 29.09 -26.21
C ASP A 66 -81.55 29.87 -27.38
N ILE A 67 -80.36 30.46 -27.19
CA ILE A 67 -79.69 31.15 -28.29
C ILE A 67 -79.47 30.21 -29.46
N LEU A 68 -79.05 28.98 -29.17
CA LEU A 68 -78.80 27.99 -30.23
C LEU A 68 -80.05 27.75 -31.07
N VAL A 69 -81.17 27.40 -30.43
CA VAL A 69 -82.40 27.11 -31.14
C VAL A 69 -82.89 28.35 -31.89
N GLY A 70 -82.67 29.55 -31.33
CA GLY A 70 -83.01 30.76 -32.05
C GLY A 70 -82.24 30.88 -33.36
N GLN A 71 -80.93 30.64 -33.31
CA GLN A 71 -80.13 30.64 -34.53
C GLN A 71 -80.64 29.60 -35.52
N ILE A 72 -81.07 28.44 -35.01
CA ILE A 72 -81.63 27.41 -35.89
C ILE A 72 -82.91 27.92 -36.54
N ASP A 73 -83.70 28.71 -35.82
CA ASP A 73 -84.92 29.27 -36.39
C ASP A 73 -84.59 30.25 -37.52
N ASP A 74 -83.66 31.17 -37.27
CA ASP A 74 -83.28 32.12 -38.31
C ASP A 74 -82.75 31.39 -39.55
N ALA A 75 -81.86 30.42 -39.35
CA ALA A 75 -81.33 29.66 -40.47
C ALA A 75 -82.44 28.91 -41.21
N LEU A 76 -83.43 28.40 -40.47
CA LEU A 76 -84.55 27.71 -41.10
C LEU A 76 -85.37 28.64 -41.97
N LYS A 77 -85.57 29.88 -41.51
CA LYS A 77 -86.27 30.87 -42.32
C LYS A 77 -85.49 31.16 -43.60
N LEU A 78 -84.19 31.47 -43.46
CA LEU A 78 -83.37 31.75 -44.63
C LEU A 78 -83.33 30.58 -45.60
N ALA A 79 -83.41 29.35 -45.08
CA ALA A 79 -83.44 28.18 -45.96
C ALA A 79 -84.80 28.05 -46.64
N ASN A 80 -85.88 28.40 -45.94
CA ASN A 80 -87.20 28.38 -46.56
C ASN A 80 -87.29 29.40 -47.69
N GLU A 81 -86.59 30.53 -47.56
CA GLU A 81 -86.54 31.48 -48.67
C GLU A 81 -85.89 30.88 -49.89
N GLY A 82 -84.71 30.29 -49.72
CA GLY A 82 -83.97 29.71 -50.82
C GLY A 82 -82.52 30.16 -50.86
N LYS A 83 -82.13 30.94 -49.86
CA LYS A 83 -80.78 31.48 -49.76
C LYS A 83 -79.89 30.46 -49.03
N VAL A 84 -79.19 29.63 -49.80
CA VAL A 84 -78.39 28.57 -49.21
C VAL A 84 -77.16 29.14 -48.51
N LYS A 85 -76.52 30.14 -49.12
CA LYS A 85 -75.31 30.72 -48.54
C LYS A 85 -75.60 31.32 -47.16
N GLU A 86 -76.68 32.08 -47.04
CA GLU A 86 -77.00 32.72 -45.76
C GLU A 86 -77.33 31.69 -44.70
N ALA A 87 -78.08 30.64 -45.05
CA ALA A 87 -78.38 29.59 -44.09
C ALA A 87 -77.12 28.86 -43.65
N GLN A 88 -76.17 28.67 -44.58
CA GLN A 88 -74.91 28.03 -44.21
C GLN A 88 -74.09 28.93 -43.29
N ALA A 89 -74.12 30.24 -43.51
CA ALA A 89 -73.43 31.16 -42.61
C ALA A 89 -74.07 31.14 -41.22
N ALA A 90 -75.40 31.13 -41.15
CA ALA A 90 -76.08 30.99 -39.87
C ALA A 90 -75.72 29.68 -39.20
N ALA A 91 -75.50 28.62 -39.98
CA ALA A 91 -75.00 27.37 -39.40
C ALA A 91 -73.55 27.51 -38.96
N GLU A 92 -72.80 28.45 -39.55
CA GLU A 92 -71.42 28.67 -39.12
C GLU A 92 -71.36 29.38 -37.78
N GLN A 93 -72.09 30.49 -37.64
CA GLN A 93 -72.17 31.15 -36.34
C GLN A 93 -72.81 30.22 -35.30
N LEU A 94 -73.78 29.42 -35.74
CA LEU A 94 -74.32 28.36 -34.89
C LEU A 94 -73.21 27.44 -34.40
N LYS A 95 -72.29 27.05 -35.30
CA LYS A 95 -71.16 26.24 -34.90
C LYS A 95 -70.24 27.00 -33.94
N THR A 96 -70.18 28.32 -34.06
CA THR A 96 -69.35 29.11 -33.15
C THR A 96 -69.91 29.08 -31.73
N THR A 97 -71.15 29.51 -31.55
CA THR A 97 -71.78 29.46 -30.24
C THR A 97 -71.77 28.04 -29.69
N ARG A 98 -72.06 27.06 -30.54
CA ARG A 98 -72.02 25.66 -30.14
C ARG A 98 -70.67 25.28 -29.55
N ASN A 99 -69.59 25.53 -30.31
CA ASN A 99 -68.26 25.19 -29.82
C ASN A 99 -67.93 25.91 -28.51
N ALA A 100 -68.30 27.19 -28.43
CA ALA A 100 -68.06 27.95 -27.21
C ALA A 100 -68.69 27.26 -25.99
N TYR A 101 -69.97 26.91 -26.09
CA TYR A 101 -70.62 26.22 -24.99
C TYR A 101 -70.22 24.75 -24.88
N ILE A 102 -69.52 24.21 -25.88
CA ILE A 102 -68.93 22.88 -25.76
C ILE A 102 -67.75 22.92 -24.81
N GLN A 103 -66.76 23.76 -25.13
CA GLN A 103 -65.61 23.90 -24.24
C GLN A 103 -65.97 24.56 -22.91
N LYS A 104 -67.13 25.22 -22.84
CA LYS A 104 -67.55 25.85 -21.59
C LYS A 104 -68.06 24.83 -20.57
N TYR A 105 -68.72 23.76 -21.01
CA TYR A 105 -69.34 22.80 -20.10
C TYR A 105 -68.75 21.40 -20.22
N LEU A 106 -67.50 21.29 -20.67
CA LEU A 106 -66.83 19.99 -20.74
C LEU A 106 -65.37 20.10 -20.32
N PRO A 117 -44.25 21.00 -16.32
CA PRO A 117 -44.16 19.68 -15.70
C PRO A 117 -44.51 18.54 -16.66
N ALA A 118 -45.44 18.78 -17.58
CA ALA A 118 -45.84 17.73 -18.51
C ALA A 118 -44.70 17.23 -19.38
N PRO A 119 -43.91 18.07 -20.07
CA PRO A 119 -42.76 17.52 -20.79
C PRO A 119 -41.72 16.90 -19.88
N LEU A 120 -41.48 17.53 -18.72
CA LEU A 120 -40.58 16.92 -17.73
C LEU A 120 -41.13 15.59 -17.24
N LEU A 121 -42.45 15.49 -17.10
CA LEU A 121 -43.07 14.21 -16.75
C LEU A 121 -42.79 13.17 -17.82
N ALA A 122 -42.91 13.55 -19.10
CA ALA A 122 -42.63 12.61 -20.18
C ALA A 122 -41.17 12.17 -20.15
N GLY A 123 -40.26 13.11 -19.88
CA GLY A 123 -38.84 12.76 -19.85
C GLY A 123 -38.49 11.83 -18.71
N VAL A 124 -38.87 12.20 -17.48
CA VAL A 124 -38.56 11.37 -16.32
C VAL A 124 -39.24 10.01 -16.44
N THR A 125 -40.47 9.99 -16.94
CA THR A 125 -41.19 8.72 -17.10
C THR A 125 -40.52 7.83 -18.13
N ALA A 126 -40.15 8.40 -19.28
CA ALA A 126 -39.47 7.61 -20.31
C ALA A 126 -38.15 7.06 -19.80
N THR A 127 -37.38 7.89 -19.09
CA THR A 127 -36.11 7.43 -18.53
C THR A 127 -36.33 6.32 -17.51
N CYS A 128 -37.33 6.47 -16.64
CA CYS A 128 -37.64 5.42 -15.68
C CYS A 128 -38.09 4.14 -16.36
N VAL A 129 -38.70 4.26 -17.55
CA VAL A 129 -39.04 3.06 -18.31
C VAL A 129 -37.78 2.40 -18.87
N ALA A 130 -36.84 3.22 -19.37
CA ALA A 130 -35.58 2.67 -19.86
C ALA A 130 -34.84 1.94 -18.74
N LEU A 131 -34.70 2.57 -17.58
CA LEU A 131 -34.07 1.92 -16.44
C LEU A 131 -34.89 0.74 -15.93
N PHE A 132 -36.19 0.72 -16.19
CA PHE A 132 -36.99 -0.43 -15.83
C PHE A 132 -36.67 -1.63 -16.72
N VAL A 133 -36.58 -1.41 -18.03
CA VAL A 133 -36.25 -2.49 -18.96
C VAL A 133 -34.82 -2.98 -18.72
N VAL A 134 -33.86 -2.07 -18.84
CA VAL A 134 -32.45 -2.45 -18.65
C VAL A 134 -32.22 -2.98 -17.24
N GLY A 135 -33.00 -2.52 -16.27
CA GLY A 135 -32.85 -3.03 -14.91
C GLY A 135 -33.33 -4.46 -14.78
N ILE A 136 -34.57 -4.74 -15.21
CA ILE A 136 -35.11 -6.09 -15.12
C ILE A 136 -34.22 -7.06 -15.89
N ALA A 137 -33.91 -6.72 -17.16
CA ALA A 137 -33.10 -7.62 -17.98
C ALA A 137 -31.71 -7.80 -17.39
N GLY A 138 -31.09 -6.71 -16.94
CA GLY A 138 -29.73 -6.80 -16.43
C GLY A 138 -29.63 -7.64 -15.18
N ASN A 139 -30.50 -7.39 -14.20
CA ASN A 139 -30.43 -8.14 -12.95
C ASN A 139 -30.87 -9.59 -13.14
N LEU A 140 -31.85 -9.84 -14.02
CA LEU A 140 -32.20 -11.22 -14.33
C LEU A 140 -31.03 -11.95 -14.97
N LEU A 141 -30.32 -11.28 -15.89
CA LEU A 141 -29.13 -11.87 -16.48
C LEU A 141 -28.05 -12.12 -15.43
N THR A 142 -27.96 -11.25 -14.42
CA THR A 142 -27.01 -11.48 -13.34
C THR A 142 -27.35 -12.75 -12.57
N MET A 143 -28.60 -12.86 -12.11
CA MET A 143 -28.99 -14.02 -11.32
C MET A 143 -28.86 -15.31 -12.13
N LEU A 144 -29.21 -15.27 -13.42
CA LEU A 144 -29.10 -16.47 -14.25
C LEU A 144 -27.64 -16.81 -14.53
N VAL A 145 -26.79 -15.80 -14.70
CA VAL A 145 -25.37 -16.05 -14.93
C VAL A 145 -24.75 -16.71 -13.69
N VAL A 146 -25.09 -16.21 -12.50
CA VAL A 146 -24.62 -16.87 -11.29
C VAL A 146 -25.25 -18.26 -11.17
N SER A 147 -26.42 -18.46 -11.76
CA SER A 147 -27.14 -19.72 -11.59
C SER A 147 -26.51 -20.85 -12.42
N ARG A 148 -26.21 -20.58 -13.68
CA ARG A 148 -25.87 -21.65 -14.64
C ARG A 148 -24.38 -21.68 -15.00
N PHE A 149 -23.50 -21.38 -14.05
CA PHE A 149 -22.07 -21.44 -14.31
C PHE A 149 -21.31 -21.75 -13.02
N ARG A 150 -20.45 -22.77 -13.07
CA ARG A 150 -19.68 -23.16 -11.89
C ARG A 150 -18.70 -22.08 -11.47
N GLU A 151 -17.83 -21.66 -12.40
CA GLU A 151 -16.72 -20.76 -12.09
C GLU A 151 -17.17 -19.37 -11.65
N LEU A 152 -18.48 -19.09 -11.60
CA LEU A 152 -18.96 -17.81 -11.12
C LEU A 152 -19.81 -17.93 -9.87
N ARG A 153 -19.84 -19.10 -9.23
CA ARG A 153 -20.57 -19.26 -7.98
C ARG A 153 -19.69 -18.98 -6.77
N THR A 154 -19.01 -17.83 -6.79
CA THR A 154 -18.23 -17.42 -5.62
C THR A 154 -19.16 -16.72 -4.63
N THR A 155 -18.60 -16.32 -3.50
CA THR A 155 -19.41 -15.65 -2.47
C THR A 155 -19.84 -14.27 -2.93
N THR A 156 -18.89 -13.48 -3.46
CA THR A 156 -19.20 -12.14 -3.95
C THR A 156 -20.33 -12.18 -4.96
N ASN A 157 -20.32 -13.17 -5.86
CA ASN A 157 -21.38 -13.28 -6.86
C ASN A 157 -22.72 -13.63 -6.20
N LEU A 158 -22.69 -14.31 -5.06
CA LEU A 158 -23.94 -14.59 -4.35
C LEU A 158 -24.51 -13.32 -3.72
N TYR A 159 -23.66 -12.55 -3.03
CA TYR A 159 -24.13 -11.28 -2.48
C TYR A 159 -24.64 -10.36 -3.59
N LEU A 160 -23.92 -10.28 -4.71
CA LEU A 160 -24.37 -9.47 -5.83
C LEU A 160 -25.63 -10.03 -6.49
N SER A 161 -25.89 -11.33 -6.34
CA SER A 161 -27.13 -11.90 -6.86
C SER A 161 -28.32 -11.52 -5.98
N SER A 162 -28.15 -11.59 -4.65
CA SER A 162 -29.18 -11.08 -3.76
C SER A 162 -29.45 -9.61 -4.03
N MET A 163 -28.39 -8.82 -4.25
CA MET A 163 -28.56 -7.42 -4.62
C MET A 163 -29.32 -7.28 -5.93
N ALA A 164 -29.03 -8.16 -6.89
CA ALA A 164 -29.72 -8.11 -8.17
C ALA A 164 -31.22 -8.38 -7.99
N PHE A 165 -31.57 -9.32 -7.13
CA PHE A 165 -32.98 -9.54 -6.82
C PHE A 165 -33.59 -8.34 -6.13
N SER A 166 -32.82 -7.68 -5.25
CA SER A 166 -33.33 -6.49 -4.59
C SER A 166 -33.65 -5.38 -5.59
N ASP A 167 -32.74 -5.17 -6.55
CA ASP A 167 -33.02 -4.23 -7.64
C ASP A 167 -34.25 -4.65 -8.42
N LEU A 168 -34.38 -5.94 -8.70
CA LEU A 168 -35.55 -6.46 -9.41
C LEU A 168 -36.84 -6.07 -8.70
N LEU A 169 -36.91 -6.32 -7.39
CA LEU A 169 -38.11 -6.01 -6.64
C LEU A 169 -38.35 -4.51 -6.54
N ILE A 170 -37.27 -3.73 -6.43
CA ILE A 170 -37.39 -2.27 -6.43
C ILE A 170 -38.07 -1.79 -7.72
N PHE A 171 -37.59 -2.29 -8.86
CA PHE A 171 -38.20 -1.93 -10.14
C PHE A 171 -39.63 -2.42 -10.23
N LEU A 172 -39.94 -3.59 -9.64
CA LEU A 172 -41.32 -4.03 -9.59
C LEU A 172 -42.18 -3.11 -8.72
N CYS A 173 -41.58 -2.40 -7.77
CA CYS A 173 -42.30 -1.39 -7.00
C CYS A 173 -42.33 -0.03 -7.67
N MET A 174 -41.52 0.19 -8.71
CA MET A 174 -41.50 1.48 -9.40
C MET A 174 -42.85 1.97 -9.89
N PRO A 175 -43.70 1.15 -10.55
CA PRO A 175 -44.92 1.71 -11.17
C PRO A 175 -45.80 2.54 -10.24
N LEU A 176 -46.14 2.03 -9.06
CA LEU A 176 -46.94 2.81 -8.12
C LEU A 176 -46.20 4.06 -7.65
N ASP A 177 -44.88 3.98 -7.53
CA ASP A 177 -44.10 5.15 -7.13
C ASP A 177 -44.15 6.24 -8.20
N LEU A 178 -44.18 5.84 -9.47
CA LEU A 178 -44.26 6.82 -10.55
C LEU A 178 -45.67 7.39 -10.66
N VAL A 179 -46.69 6.52 -10.58
CA VAL A 179 -48.07 6.99 -10.55
C VAL A 179 -48.25 8.03 -9.45
N ARG A 180 -47.72 7.73 -8.27
CA ARG A 180 -47.72 8.73 -7.19
C ARG A 180 -46.82 9.91 -7.52
N LEU A 181 -45.83 9.74 -8.39
CA LEU A 181 -44.94 10.85 -8.72
C LEU A 181 -45.69 11.92 -9.52
N TRP A 182 -46.44 11.52 -10.54
CA TRP A 182 -47.18 12.57 -11.24
C TRP A 182 -48.61 12.72 -10.71
N GLN A 183 -49.35 11.62 -10.61
CA GLN A 183 -50.71 11.63 -10.08
C GLN A 183 -50.62 11.57 -8.56
N TYR A 184 -50.47 12.74 -7.93
CA TYR A 184 -50.40 12.81 -6.48
C TYR A 184 -51.67 13.38 -5.84
N ARG A 185 -52.50 14.12 -6.59
CA ARG A 185 -53.70 14.67 -5.97
C ARG A 185 -54.66 13.57 -5.53
N PRO A 186 -55.15 12.68 -6.42
CA PRO A 186 -55.95 11.54 -5.93
C PRO A 186 -55.14 10.26 -5.76
N TRP A 187 -55.42 9.49 -4.71
CA TRP A 187 -54.90 8.14 -4.54
C TRP A 187 -56.09 7.25 -4.19
N ASN A 188 -56.71 6.68 -5.21
CA ASN A 188 -57.87 5.80 -5.04
C ASN A 188 -57.49 4.33 -5.15
N PHE A 189 -56.20 4.00 -5.08
CA PHE A 189 -55.77 2.61 -5.22
C PHE A 189 -55.99 1.82 -3.94
N GLY A 190 -56.00 2.48 -2.78
CA GLY A 190 -56.25 1.83 -1.51
C GLY A 190 -55.19 2.15 -0.49
N ASP A 191 -55.49 1.78 0.75
CA ASP A 191 -54.55 1.96 1.85
C ASP A 191 -53.50 0.87 1.88
N LEU A 192 -53.92 -0.38 1.63
CA LEU A 192 -53.02 -1.52 1.71
C LEU A 192 -51.92 -1.45 0.67
N LEU A 193 -52.22 -0.91 -0.52
CA LEU A 193 -51.17 -0.71 -1.51
C LEU A 193 -50.24 0.41 -1.10
N CYS A 194 -50.82 1.53 -0.64
CA CYS A 194 -50.06 2.70 -0.22
C CYS A 194 -49.02 2.33 0.85
N LYS A 195 -49.38 1.41 1.73
CA LYS A 195 -48.40 0.92 2.70
C LYS A 195 -47.50 -0.16 2.11
N LEU A 196 -48.05 -0.99 1.22
CA LEU A 196 -47.36 -2.20 0.79
C LEU A 196 -46.16 -1.86 -0.09
N PHE A 197 -46.37 -1.06 -1.15
CA PHE A 197 -45.28 -0.86 -2.11
C PHE A 197 -44.12 -0.08 -1.49
N GLN A 198 -44.42 0.85 -0.56
CA GLN A 198 -43.34 1.55 0.12
C GLN A 198 -42.66 0.66 1.15
N PHE A 199 -43.41 -0.22 1.82
CA PHE A 199 -42.79 -1.18 2.72
C PHE A 199 -41.80 -2.07 1.96
N VAL A 200 -42.22 -2.60 0.81
CA VAL A 200 -41.34 -3.48 0.03
C VAL A 200 -40.14 -2.71 -0.49
N SER A 201 -40.37 -1.48 -1.00
CA SER A 201 -39.27 -0.70 -1.53
C SER A 201 -38.23 -0.39 -0.46
N GLU A 202 -38.68 0.05 0.72
CA GLU A 202 -37.76 0.33 1.83
C GLU A 202 -37.05 -0.94 2.28
N SER A 203 -37.78 -2.05 2.37
CA SER A 203 -37.15 -3.32 2.74
C SER A 203 -36.02 -3.67 1.79
N CYS A 204 -36.26 -3.52 0.47
CA CYS A 204 -35.21 -3.81 -0.50
C CYS A 204 -34.06 -2.83 -0.41
N THR A 205 -34.34 -1.58 -0.02
CA THR A 205 -33.25 -0.65 0.29
C THR A 205 -32.36 -1.19 1.39
N TYR A 206 -32.95 -1.57 2.52
CA TYR A 206 -32.18 -2.07 3.65
C TYR A 206 -31.41 -3.34 3.26
N ALA A 207 -32.04 -4.23 2.50
CA ALA A 207 -31.36 -5.44 2.07
C ALA A 207 -30.18 -5.11 1.16
N LYS A 208 -30.32 -4.09 0.31
CA LYS A 208 -29.21 -3.68 -0.54
C LYS A 208 -28.04 -3.18 0.29
N VAL A 209 -28.29 -2.21 1.19
CA VAL A 209 -27.19 -1.63 1.94
C VAL A 209 -26.53 -2.67 2.82
N LEU A 210 -27.33 -3.45 3.55
CA LEU A 210 -26.76 -4.49 4.41
C LEU A 210 -25.99 -5.53 3.61
N THR A 211 -26.45 -5.84 2.39
CA THR A 211 -25.74 -6.82 1.58
C THR A 211 -24.41 -6.28 1.08
N ILE A 212 -24.38 -5.01 0.64
CA ILE A 212 -23.11 -4.40 0.24
C ILE A 212 -22.14 -4.38 1.41
N THR A 213 -22.63 -3.99 2.59
CA THR A 213 -21.75 -3.90 3.76
C THR A 213 -21.21 -5.28 4.16
N ALA A 214 -22.09 -6.29 4.19
CA ALA A 214 -21.63 -7.64 4.51
C ALA A 214 -20.60 -8.13 3.50
N LEU A 215 -20.83 -7.85 2.21
CA LEU A 215 -19.89 -8.24 1.17
C LEU A 215 -18.53 -7.59 1.39
N SER A 216 -18.52 -6.28 1.66
CA SER A 216 -17.26 -5.58 1.88
C SER A 216 -16.54 -6.11 3.12
N VAL A 217 -17.29 -6.39 4.19
CA VAL A 217 -16.69 -6.98 5.39
C VAL A 217 -16.05 -8.31 5.05
N GLU A 218 -16.72 -9.12 4.23
CA GLU A 218 -16.16 -10.41 3.86
C GLU A 218 -14.90 -10.26 3.02
N ARG A 219 -14.85 -9.23 2.17
CA ARG A 219 -13.63 -9.01 1.39
C ARG A 219 -12.49 -8.55 2.29
N TYR A 220 -12.78 -7.67 3.26
CA TYR A 220 -11.76 -7.20 4.18
C TYR A 220 -11.19 -8.33 5.00
N PHE A 221 -12.06 -9.17 5.58
CA PHE A 221 -11.59 -10.30 6.35
C PHE A 221 -10.88 -11.32 5.45
N ALA A 222 -11.31 -11.44 4.20
CA ALA A 222 -10.72 -12.42 3.30
C ALA A 222 -9.30 -12.01 2.90
N ILE A 223 -9.07 -10.72 2.71
CA ILE A 223 -7.77 -10.23 2.25
C ILE A 223 -6.81 -10.02 3.42
N CYS A 224 -7.29 -9.39 4.50
CA CYS A 224 -6.39 -9.05 5.61
C CYS A 224 -6.16 -10.22 6.55
N PHE A 225 -7.14 -11.12 6.70
CA PHE A 225 -7.07 -12.22 7.65
C PHE A 225 -7.28 -13.54 6.91
N PRO A 226 -6.21 -14.10 6.31
CA PRO A 226 -6.35 -15.37 5.57
C PRO A 226 -6.72 -16.58 6.43
N LEU A 227 -6.95 -16.35 7.72
CA LEU A 227 -7.67 -17.32 8.53
C LEU A 227 -9.13 -17.45 8.09
N ARG A 228 -9.52 -16.72 7.04
CA ARG A 228 -10.89 -16.72 6.55
C ARG A 228 -11.36 -18.11 6.15
N ALA A 229 -10.44 -19.01 5.79
CA ALA A 229 -10.82 -20.34 5.35
C ALA A 229 -11.78 -21.01 6.33
N LYS A 230 -11.51 -20.86 7.63
CA LYS A 230 -12.44 -21.35 8.65
C LYS A 230 -13.66 -20.44 8.76
N VAL A 231 -13.44 -19.13 8.76
CA VAL A 231 -14.49 -18.19 9.13
C VAL A 231 -15.53 -18.06 8.03
N VAL A 232 -15.13 -17.55 6.86
CA VAL A 232 -16.06 -17.51 5.74
C VAL A 232 -16.12 -18.92 5.16
N VAL A 233 -17.10 -19.70 5.61
CA VAL A 233 -17.07 -21.14 5.43
C VAL A 233 -17.32 -21.51 3.98
N THR A 234 -18.53 -21.25 3.50
CA THR A 234 -18.97 -21.71 2.19
C THR A 234 -20.16 -20.86 1.77
N LYS A 235 -20.90 -21.35 0.78
CA LYS A 235 -22.16 -20.72 0.41
C LYS A 235 -23.13 -20.68 1.58
N GLY A 236 -23.05 -21.66 2.48
CA GLY A 236 -23.97 -21.73 3.61
C GLY A 236 -23.97 -20.48 4.47
N ARG A 237 -22.78 -20.03 4.87
CA ARG A 237 -22.67 -18.78 5.63
C ARG A 237 -23.31 -17.62 4.88
N VAL A 238 -23.10 -17.57 3.56
CA VAL A 238 -23.66 -16.48 2.75
C VAL A 238 -25.18 -16.55 2.74
N LYS A 239 -25.73 -17.77 2.70
CA LYS A 239 -27.18 -17.92 2.73
C LYS A 239 -27.76 -17.51 4.07
N LEU A 240 -27.04 -17.81 5.16
CA LEU A 240 -27.49 -17.38 6.48
C LEU A 240 -27.44 -15.86 6.60
N VAL A 241 -26.35 -15.24 6.13
CA VAL A 241 -26.23 -13.79 6.21
C VAL A 241 -27.28 -13.12 5.34
N ILE A 242 -27.59 -13.71 4.18
CA ILE A 242 -28.65 -13.17 3.33
C ILE A 242 -30.00 -13.28 4.03
N PHE A 243 -30.26 -14.43 4.66
CA PHE A 243 -31.51 -14.61 5.40
C PHE A 243 -31.67 -13.57 6.50
N VAL A 244 -30.62 -13.39 7.31
CA VAL A 244 -30.69 -12.45 8.42
C VAL A 244 -30.79 -11.01 7.90
N ILE A 245 -30.09 -10.73 6.79
CA ILE A 245 -30.15 -9.39 6.20
C ILE A 245 -31.56 -9.06 5.76
N TRP A 246 -32.22 -10.00 5.07
CA TRP A 246 -33.58 -9.75 4.62
C TRP A 246 -34.57 -9.70 5.78
N ALA A 247 -34.32 -10.50 6.83
CA ALA A 247 -35.18 -10.43 8.01
C ALA A 247 -35.08 -9.08 8.70
N VAL A 248 -33.85 -8.58 8.88
CA VAL A 248 -33.68 -7.25 9.47
C VAL A 248 -34.25 -6.18 8.57
N ALA A 249 -34.17 -6.36 7.25
CA ALA A 249 -34.76 -5.40 6.33
C ALA A 249 -36.27 -5.36 6.47
N PHE A 250 -36.91 -6.52 6.61
CA PHE A 250 -38.36 -6.56 6.73
C PHE A 250 -38.83 -6.04 8.08
N CYS A 251 -38.12 -6.40 9.16
CA CYS A 251 -38.54 -5.95 10.49
C CYS A 251 -38.29 -4.46 10.69
N SER A 252 -37.13 -3.97 10.24
CA SER A 252 -36.82 -2.55 10.39
C SER A 252 -37.68 -1.67 9.48
N ALA A 253 -38.27 -2.24 8.43
CA ALA A 253 -39.17 -1.51 7.56
C ALA A 253 -40.63 -1.79 7.87
N GLY A 254 -40.92 -2.59 8.88
CA GLY A 254 -42.27 -2.86 9.32
C GLY A 254 -43.11 -1.64 9.63
N PRO A 255 -42.58 -0.71 10.47
CA PRO A 255 -43.37 0.47 10.88
C PRO A 255 -43.96 1.29 9.75
N ILE A 256 -43.53 1.03 8.51
CA ILE A 256 -44.15 1.69 7.35
C ILE A 256 -45.66 1.46 7.35
N PHE A 257 -46.08 0.24 7.71
CA PHE A 257 -47.51 -0.08 7.74
C PHE A 257 -48.29 0.84 8.68
N VAL A 258 -47.62 1.51 9.60
CA VAL A 258 -48.29 2.46 10.50
C VAL A 258 -47.93 3.88 10.06
N LEU A 259 -46.75 4.03 9.45
CA LEU A 259 -46.26 5.35 9.10
C LEU A 259 -47.12 5.98 8.03
N VAL A 260 -47.25 5.33 6.88
CA VAL A 260 -47.94 5.89 5.73
C VAL A 260 -49.37 5.40 5.70
N GLY A 261 -50.24 6.22 5.11
CA GLY A 261 -51.64 5.87 4.94
C GLY A 261 -52.31 6.85 4.01
N VAL A 262 -53.59 6.59 3.73
CA VAL A 262 -54.40 7.47 2.91
C VAL A 262 -55.21 8.38 3.82
N GLU A 263 -55.23 9.67 3.50
CA GLU A 263 -55.98 10.64 4.29
C GLU A 263 -56.57 11.70 3.36
N HIS A 264 -57.61 12.37 3.85
CA HIS A 264 -58.29 13.41 3.10
C HIS A 264 -58.69 14.53 4.06
N GLU A 265 -58.94 15.70 3.48
CA GLU A 265 -59.34 16.86 4.29
C GLU A 265 -60.75 16.66 4.86
N GLN A 266 -61.05 17.43 5.90
CA GLN A 266 -62.40 17.47 6.43
C GLN A 266 -63.29 18.32 5.54
N GLY A 267 -64.46 17.82 5.22
CA GLY A 267 -65.38 18.55 4.38
C GLY A 267 -65.09 18.52 2.90
N THR A 268 -64.20 17.65 2.45
CA THR A 268 -63.88 17.50 1.04
C THR A 268 -64.23 16.10 0.56
N ASP A 269 -64.52 15.98 -0.72
CA ASP A 269 -64.84 14.69 -1.31
C ASP A 269 -63.62 13.78 -1.23
N PRO A 270 -63.73 12.59 -0.62
CA PRO A 270 -62.54 11.72 -0.52
C PRO A 270 -61.96 11.33 -1.86
N TRP A 271 -62.81 11.12 -2.88
CA TRP A 271 -62.32 10.76 -4.20
C TRP A 271 -61.52 11.87 -4.87
N ASP A 272 -61.55 13.08 -4.33
CA ASP A 272 -60.82 14.20 -4.90
C ASP A 272 -59.64 14.66 -4.06
N THR A 273 -59.57 14.26 -2.79
CA THR A 273 -58.52 14.75 -1.89
C THR A 273 -57.79 13.63 -1.15
N ASN A 274 -58.02 12.37 -1.50
CA ASN A 274 -57.28 11.28 -0.88
C ASN A 274 -55.81 11.34 -1.29
N GLU A 275 -54.92 11.12 -0.32
CA GLU A 275 -53.49 11.09 -0.59
C GLU A 275 -52.81 10.03 0.24
N CYS A 276 -51.69 9.52 -0.28
CA CYS A 276 -50.87 8.50 0.36
C CYS A 276 -49.65 9.18 0.94
N ARG A 277 -49.67 9.42 2.25
CA ARG A 277 -48.64 10.22 2.90
C ARG A 277 -48.52 9.75 4.34
N PRO A 278 -47.49 10.18 5.06
CA PRO A 278 -47.42 9.91 6.50
C PRO A 278 -48.68 10.40 7.21
N THR A 279 -49.24 9.53 8.05
CA THR A 279 -50.50 9.82 8.72
C THR A 279 -50.29 10.86 9.83
N GLU A 280 -51.40 11.40 10.31
CA GLU A 280 -51.34 12.40 11.37
C GLU A 280 -50.78 11.81 12.66
N PHE A 281 -51.19 10.58 12.99
CA PHE A 281 -50.62 9.90 14.15
C PHE A 281 -49.13 9.64 13.97
N ALA A 282 -48.69 9.48 12.72
CA ALA A 282 -47.28 9.27 12.42
C ALA A 282 -46.45 10.55 12.53
N VAL A 283 -47.08 11.69 12.82
CA VAL A 283 -46.38 12.96 12.93
C VAL A 283 -46.41 13.51 14.36
N ARG A 284 -47.57 13.48 15.01
CA ARG A 284 -47.65 13.96 16.39
C ARG A 284 -46.77 13.10 17.30
N SER A 285 -46.72 11.80 17.03
CA SER A 285 -45.68 10.94 17.57
C SER A 285 -44.59 10.82 16.52
N GLY A 286 -43.35 11.02 16.93
CA GLY A 286 -42.29 11.20 15.95
C GLY A 286 -41.91 9.93 15.21
N LEU A 287 -42.90 9.18 14.75
CA LEU A 287 -42.62 7.98 13.96
C LEU A 287 -42.02 8.34 12.61
N LEU A 288 -42.41 9.47 12.04
CA LEU A 288 -41.82 9.93 10.79
C LEU A 288 -40.33 10.23 10.98
N THR A 289 -40.00 11.09 11.96
CA THR A 289 -38.61 11.42 12.20
C THR A 289 -37.81 10.20 12.66
N VAL A 290 -38.44 9.33 13.46
CA VAL A 290 -37.76 8.12 13.92
C VAL A 290 -37.40 7.22 12.74
N MET A 291 -38.36 7.00 11.83
CA MET A 291 -38.07 6.15 10.69
C MET A 291 -37.04 6.78 9.75
N VAL A 292 -37.13 8.10 9.56
CA VAL A 292 -36.17 8.78 8.70
C VAL A 292 -34.76 8.66 9.29
N TRP A 293 -34.64 8.74 10.62
CA TRP A 293 -33.33 8.53 11.23
C TRP A 293 -32.92 7.06 11.19
N VAL A 294 -33.89 6.14 11.17
CA VAL A 294 -33.58 4.72 11.06
C VAL A 294 -32.93 4.43 9.71
N SER A 295 -33.62 4.78 8.62
CA SER A 295 -33.03 4.58 7.30
C SER A 295 -31.80 5.46 7.10
N SER A 296 -31.76 6.62 7.76
CA SER A 296 -30.58 7.48 7.67
C SER A 296 -29.35 6.79 8.24
N ILE A 297 -29.50 6.11 9.38
CA ILE A 297 -28.42 5.27 9.89
C ILE A 297 -28.16 4.11 8.93
N PHE A 298 -29.24 3.48 8.44
CA PHE A 298 -29.13 2.32 7.57
C PHE A 298 -28.36 2.62 6.30
N PHE A 299 -28.27 3.88 5.88
CA PHE A 299 -27.48 4.25 4.71
C PHE A 299 -26.14 4.87 5.07
N PHE A 300 -26.16 5.87 5.95
CA PHE A 300 -24.95 6.64 6.22
C PHE A 300 -23.94 5.84 7.04
N LEU A 301 -24.41 5.08 8.03
CA LEU A 301 -23.47 4.27 8.82
C LEU A 301 -22.75 3.23 7.97
N PRO A 302 -23.44 2.42 7.15
CA PRO A 302 -22.70 1.53 6.25
C PRO A 302 -21.87 2.27 5.22
N VAL A 303 -22.20 3.52 4.88
CA VAL A 303 -21.32 4.29 4.02
C VAL A 303 -19.98 4.52 4.69
N PHE A 304 -20.01 4.87 5.98
CA PHE A 304 -18.79 5.00 6.76
C PHE A 304 -18.02 3.68 6.80
N CYS A 305 -18.73 2.58 7.10
CA CYS A 305 -18.06 1.28 7.17
C CYS A 305 -17.43 0.91 5.83
N LEU A 306 -18.13 1.16 4.72
CA LEU A 306 -17.57 0.86 3.42
C LEU A 306 -16.35 1.73 3.12
N THR A 307 -16.39 3.00 3.53
CA THR A 307 -15.26 3.89 3.30
C THR A 307 -14.03 3.40 4.05
N VAL A 308 -14.17 3.09 5.34
CA VAL A 308 -13.02 2.65 6.12
C VAL A 308 -12.52 1.29 5.63
N LEU A 309 -13.45 0.36 5.39
CA LEU A 309 -13.05 -0.99 5.00
C LEU A 309 -12.32 -0.99 3.66
N TYR A 310 -12.92 -0.35 2.64
CA TYR A 310 -12.24 -0.25 1.36
C TYR A 310 -10.97 0.59 1.44
N SER A 311 -10.88 1.50 2.42
CA SER A 311 -9.65 2.22 2.65
C SER A 311 -8.54 1.28 3.12
N LEU A 312 -8.87 0.35 4.02
CA LEU A 312 -7.87 -0.61 4.48
C LEU A 312 -7.52 -1.61 3.39
N ILE A 313 -8.51 -2.08 2.64
CA ILE A 313 -8.26 -3.03 1.56
C ILE A 313 -7.36 -2.39 0.51
N GLY A 314 -7.68 -1.16 0.10
CA GLY A 314 -6.83 -0.46 -0.85
C GLY A 314 -5.46 -0.14 -0.28
N ARG A 315 -5.38 0.08 1.04
CA ARG A 315 -4.09 0.36 1.66
C ARG A 315 -3.19 -0.87 1.64
N LYS A 316 -3.75 -2.07 1.84
CA LYS A 316 -2.93 -3.26 1.84
C LYS A 316 -2.62 -3.73 0.42
N LEU A 317 -3.64 -3.80 -0.44
CA LEU A 317 -3.43 -4.30 -1.79
C LEU A 317 -2.59 -3.32 -2.61
N TRP A 318 -2.98 -2.04 -2.63
CA TRP A 318 -2.26 -1.03 -3.39
C TRP A 318 -1.23 -0.33 -2.51
N ARG A 319 -0.32 -1.14 -1.96
CA ARG A 319 0.73 -0.61 -1.09
C ARG A 319 1.89 -0.09 -1.93
N ARG A 320 2.49 1.00 -1.46
CA ARG A 320 3.65 1.56 -2.14
C ARG A 320 4.84 0.62 -2.01
N ARG A 321 5.51 0.36 -3.13
CA ARG A 321 6.64 -0.55 -3.16
C ARG A 321 7.84 0.13 -3.81
N ARG A 322 9.02 -0.10 -3.21
CA ARG A 322 10.27 0.36 -3.82
C ARG A 322 10.40 -0.22 -5.22
N GLY A 323 10.79 0.63 -6.17
CA GLY A 323 10.90 0.19 -7.55
C GLY A 323 11.88 -0.96 -7.75
N ASP A 324 12.86 -1.07 -6.86
CA ASP A 324 13.85 -2.15 -6.92
C ASP A 324 13.32 -3.48 -6.42
N ALA A 325 12.02 -3.58 -6.11
CA ALA A 325 11.45 -4.81 -5.56
C ALA A 325 11.78 -6.00 -6.45
N VAL A 326 12.31 -7.06 -5.83
CA VAL A 326 12.73 -8.24 -6.56
C VAL A 326 11.73 -9.38 -6.41
N VAL A 327 10.96 -9.41 -5.33
CA VAL A 327 9.97 -10.46 -5.11
C VAL A 327 8.71 -10.17 -5.93
N GLY A 328 7.97 -11.23 -6.23
CA GLY A 328 6.81 -11.14 -7.08
C GLY A 328 5.61 -10.47 -6.41
N ALA A 329 4.44 -10.66 -7.03
CA ALA A 329 3.21 -10.04 -6.59
C ALA A 329 2.23 -10.99 -5.92
N SER A 330 2.60 -12.26 -5.73
CA SER A 330 1.90 -13.29 -4.97
C SER A 330 0.69 -13.85 -5.70
N LEU A 331 0.26 -13.27 -6.83
CA LEU A 331 -0.78 -13.83 -7.68
C LEU A 331 -2.15 -13.90 -7.02
N ARG A 332 -2.23 -13.50 -5.75
CA ARG A 332 -3.52 -13.34 -5.08
C ARG A 332 -4.01 -11.90 -5.14
N ASP A 333 -3.08 -10.95 -4.96
CA ASP A 333 -3.42 -9.54 -5.04
C ASP A 333 -3.88 -9.14 -6.44
N GLN A 334 -3.64 -9.97 -7.45
CA GLN A 334 -4.13 -9.67 -8.80
C GLN A 334 -5.64 -9.86 -8.88
N ASN A 335 -6.11 -11.06 -8.52
CA ASN A 335 -7.55 -11.33 -8.50
C ASN A 335 -8.24 -10.45 -7.48
N HIS A 336 -7.65 -10.30 -6.28
CA HIS A 336 -8.21 -9.41 -5.28
C HIS A 336 -8.28 -7.98 -5.78
N LYS A 337 -7.31 -7.56 -6.58
CA LYS A 337 -7.37 -6.22 -7.18
C LYS A 337 -8.47 -6.12 -8.23
N GLN A 338 -8.72 -7.21 -8.96
CA GLN A 338 -9.83 -7.21 -9.92
C GLN A 338 -11.16 -7.03 -9.20
N THR A 339 -11.50 -7.98 -8.32
CA THR A 339 -12.80 -7.92 -7.65
C THR A 339 -12.94 -6.71 -6.75
N VAL A 340 -11.82 -6.22 -6.18
CA VAL A 340 -11.90 -5.03 -5.35
C VAL A 340 -12.08 -3.78 -6.19
N LYS A 341 -11.49 -3.74 -7.39
CA LYS A 341 -11.80 -2.68 -8.35
C LYS A 341 -13.30 -2.66 -8.64
N MET A 342 -13.83 -3.80 -9.09
CA MET A 342 -15.25 -3.90 -9.42
C MET A 342 -16.13 -3.46 -8.26
N LEU A 343 -15.91 -4.05 -7.07
CA LEU A 343 -16.73 -3.72 -5.91
C LEU A 343 -16.58 -2.25 -5.52
N ALA A 344 -15.39 -1.69 -5.68
CA ALA A 344 -15.18 -0.28 -5.37
C ALA A 344 -16.03 0.61 -6.26
N VAL A 345 -16.00 0.35 -7.57
CA VAL A 345 -16.83 1.13 -8.49
C VAL A 345 -18.31 0.96 -8.16
N VAL A 346 -18.71 -0.27 -7.81
CA VAL A 346 -20.12 -0.54 -7.49
C VAL A 346 -20.55 0.26 -6.27
N VAL A 347 -19.73 0.24 -5.22
CA VAL A 347 -20.07 0.97 -3.99
C VAL A 347 -20.11 2.47 -4.26
N PHE A 348 -19.16 2.98 -5.04
CA PHE A 348 -19.14 4.40 -5.36
C PHE A 348 -20.41 4.81 -6.11
N ALA A 349 -20.84 3.99 -7.09
CA ALA A 349 -22.08 4.28 -7.79
C ALA A 349 -23.27 4.22 -6.85
N PHE A 350 -23.26 3.28 -5.90
CA PHE A 350 -24.35 3.16 -4.94
C PHE A 350 -24.48 4.42 -4.10
N ILE A 351 -23.39 4.82 -3.43
CA ILE A 351 -23.42 6.01 -2.59
C ILE A 351 -23.79 7.24 -3.40
N LEU A 352 -23.19 7.37 -4.58
CA LEU A 352 -23.43 8.56 -5.41
C LEU A 352 -24.88 8.63 -5.87
N CYS A 353 -25.51 7.48 -6.12
CA CYS A 353 -26.88 7.50 -6.62
C CYS A 353 -27.90 7.69 -5.50
N TRP A 354 -27.73 6.99 -4.38
CA TRP A 354 -28.71 7.07 -3.30
C TRP A 354 -28.42 8.19 -2.30
N LEU A 355 -27.36 8.96 -2.50
CA LEU A 355 -27.11 10.09 -1.61
C LEU A 355 -28.18 11.17 -1.76
N PRO A 356 -28.51 11.66 -2.97
CA PRO A 356 -29.58 12.67 -3.06
C PRO A 356 -30.93 12.16 -2.59
N PHE A 357 -31.17 10.85 -2.66
CA PHE A 357 -32.42 10.28 -2.17
C PHE A 357 -32.56 10.48 -0.65
N HIS A 358 -31.56 10.00 0.10
CA HIS A 358 -31.60 10.15 1.55
C HIS A 358 -31.50 11.62 1.97
N VAL A 359 -30.80 12.45 1.19
CA VAL A 359 -30.76 13.88 1.48
C VAL A 359 -32.16 14.48 1.35
N GLY A 360 -32.85 14.18 0.25
CA GLY A 360 -34.20 14.69 0.06
C GLY A 360 -35.17 14.18 1.10
N ARG A 361 -35.02 12.92 1.51
CA ARG A 361 -35.89 12.38 2.56
C ARG A 361 -35.62 13.07 3.90
N TYR A 362 -34.35 13.37 4.18
CA TYR A 362 -34.03 14.14 5.37
C TYR A 362 -34.69 15.52 5.33
N LEU A 363 -34.60 16.20 4.18
CA LEU A 363 -35.23 17.51 4.05
C LEU A 363 -36.74 17.41 4.22
N PHE A 364 -37.35 16.34 3.71
CA PHE A 364 -38.78 16.16 3.86
C PHE A 364 -39.15 15.94 5.33
N SER A 365 -38.33 15.19 6.07
CA SER A 365 -38.60 14.96 7.47
C SER A 365 -38.47 16.25 8.28
N LYS A 366 -37.40 17.00 8.03
CA LYS A 366 -37.18 18.24 8.78
C LYS A 366 -38.20 19.30 8.41
N SER A 367 -38.73 19.27 7.19
CA SER A 367 -39.75 20.24 6.77
C SER A 367 -41.13 19.89 7.30
N PHE A 368 -41.36 18.62 7.66
CA PHE A 368 -42.66 18.21 8.19
C PHE A 368 -42.91 18.73 9.60
N GLU A 369 -41.97 19.47 10.19
CA GLU A 369 -42.18 20.13 11.47
C GLU A 369 -41.96 21.63 11.32
N PRO A 370 -43.00 22.46 11.47
CA PRO A 370 -42.85 23.91 11.35
C PRO A 370 -42.23 24.54 12.60
N SER A 379 -37.19 21.70 -4.12
CA SER A 379 -37.46 22.17 -5.47
C SER A 379 -37.95 21.02 -6.35
N GLN A 380 -37.99 21.26 -7.66
CA GLN A 380 -38.50 20.28 -8.61
C GLN A 380 -37.42 19.31 -9.08
N TYR A 381 -36.35 19.84 -9.68
CA TYR A 381 -35.32 18.97 -10.25
C TYR A 381 -34.53 18.23 -9.19
N CYS A 382 -34.58 18.66 -7.93
CA CYS A 382 -33.94 17.90 -6.85
C CYS A 382 -34.70 16.61 -6.58
N ASN A 383 -36.01 16.73 -6.37
CA ASN A 383 -36.84 15.54 -6.14
C ASN A 383 -36.88 14.65 -7.37
N LEU A 384 -36.94 15.25 -8.56
CA LEU A 384 -36.96 14.45 -9.78
C LEU A 384 -35.63 13.74 -10.00
N VAL A 385 -34.51 14.44 -9.78
CA VAL A 385 -33.21 13.80 -9.99
C VAL A 385 -32.94 12.75 -8.92
N SER A 386 -33.51 12.91 -7.73
CA SER A 386 -33.41 11.86 -6.73
C SER A 386 -34.25 10.65 -7.13
N PHE A 387 -35.46 10.90 -7.63
CA PHE A 387 -36.31 9.82 -8.11
C PHE A 387 -35.62 9.03 -9.22
N VAL A 388 -34.92 9.73 -10.12
CA VAL A 388 -34.27 9.05 -11.23
C VAL A 388 -33.01 8.32 -10.76
N LEU A 389 -32.19 8.96 -9.93
CA LEU A 389 -30.94 8.34 -9.48
C LEU A 389 -31.21 7.08 -8.66
N PHE A 390 -32.26 7.12 -7.83
CA PHE A 390 -32.61 5.96 -7.00
C PHE A 390 -32.71 4.69 -7.83
N TYR A 391 -33.38 4.75 -8.98
CA TYR A 391 -33.46 3.61 -9.87
C TYR A 391 -32.24 3.47 -10.77
N LEU A 392 -31.53 4.58 -11.00
CA LEU A 392 -30.31 4.52 -11.81
C LEU A 392 -29.25 3.65 -11.16
N SER A 393 -29.21 3.59 -9.83
CA SER A 393 -28.30 2.65 -9.18
C SER A 393 -28.69 1.21 -9.50
N ALA A 394 -29.96 0.87 -9.24
CA ALA A 394 -30.44 -0.49 -9.46
C ALA A 394 -30.22 -0.94 -10.89
N ALA A 395 -30.39 -0.04 -11.85
CA ALA A 395 -30.14 -0.40 -13.24
C ALA A 395 -28.65 -0.41 -13.57
N ILE A 396 -27.85 0.40 -12.87
CA ILE A 396 -26.45 0.56 -13.27
C ILE A 396 -25.56 -0.54 -12.72
N ASN A 397 -25.95 -1.22 -11.64
CA ASN A 397 -25.10 -2.30 -11.12
C ASN A 397 -24.83 -3.39 -12.15
N PRO A 398 -25.81 -3.93 -12.87
CA PRO A 398 -25.49 -4.94 -13.90
C PRO A 398 -24.62 -4.40 -15.03
N ILE A 399 -24.82 -3.14 -15.41
CA ILE A 399 -23.97 -2.54 -16.45
C ILE A 399 -22.52 -2.50 -15.98
N LEU A 400 -22.30 -2.08 -14.73
CA LEU A 400 -20.96 -2.09 -14.17
C LEU A 400 -20.40 -3.50 -14.10
N TYR A 401 -21.24 -4.49 -13.81
CA TYR A 401 -20.78 -5.88 -13.88
C TYR A 401 -20.29 -6.23 -15.27
N ASN A 402 -21.01 -5.76 -16.30
CA ASN A 402 -20.63 -6.09 -17.67
C ASN A 402 -19.34 -5.39 -18.07
N ILE A 403 -19.12 -4.16 -17.59
CA ILE A 403 -17.92 -3.42 -17.97
C ILE A 403 -16.70 -3.94 -17.22
N MET A 404 -16.82 -4.12 -15.90
CA MET A 404 -15.66 -4.45 -15.08
C MET A 404 -15.24 -5.90 -15.27
N SER A 405 -16.11 -6.84 -14.92
CA SER A 405 -15.75 -8.25 -14.86
C SER A 405 -15.80 -8.86 -16.26
N LYS A 406 -14.66 -9.34 -16.73
CA LYS A 406 -14.62 -10.03 -18.03
C LYS A 406 -15.34 -11.36 -17.97
N LYS A 407 -15.28 -12.06 -16.83
CA LYS A 407 -15.98 -13.34 -16.69
C LYS A 407 -17.49 -13.16 -16.82
N TYR A 408 -18.02 -12.06 -16.27
CA TYR A 408 -19.45 -11.78 -16.38
C TYR A 408 -19.84 -11.56 -17.84
N ARG A 409 -19.04 -10.76 -18.56
CA ARG A 409 -19.31 -10.50 -19.97
C ARG A 409 -19.28 -11.79 -20.77
N VAL A 410 -18.26 -12.63 -20.53
CA VAL A 410 -18.14 -13.90 -21.24
C VAL A 410 -19.32 -14.80 -20.92
N ALA A 411 -19.81 -14.77 -19.68
CA ALA A 411 -20.93 -15.61 -19.30
C ALA A 411 -22.22 -15.15 -19.95
N VAL A 412 -22.43 -13.83 -20.02
CA VAL A 412 -23.63 -13.30 -20.68
C VAL A 412 -23.61 -13.65 -22.16
N PHE A 413 -22.51 -13.35 -22.85
CA PHE A 413 -22.40 -13.69 -24.26
C PHE A 413 -22.48 -15.19 -24.50
N ARG A 414 -22.09 -15.99 -23.50
CA ARG A 414 -22.21 -17.43 -23.62
C ARG A 414 -23.64 -17.90 -23.44
N LEU A 415 -24.43 -17.18 -22.64
CA LEU A 415 -25.84 -17.53 -22.48
C LEU A 415 -26.66 -17.12 -23.70
N LEU A 416 -26.42 -15.92 -24.22
CA LEU A 416 -27.25 -15.42 -25.32
C LEU A 416 -26.75 -15.91 -26.68
N GLY A 417 -25.50 -15.59 -27.01
CA GLY A 417 -24.93 -15.98 -28.29
C GLY A 417 -23.80 -16.98 -28.17
N GLU B 1 13.99 6.07 14.64
CA GLU B 1 15.28 5.51 14.27
C GLU B 1 15.15 4.04 13.87
N VAL B 2 15.74 3.70 12.73
CA VAL B 2 15.72 2.32 12.22
C VAL B 2 16.97 1.61 12.69
N GLN B 3 16.80 0.44 13.29
CA GLN B 3 17.90 -0.33 13.85
C GLN B 3 17.64 -1.81 13.64
N LEU B 4 18.68 -2.54 13.23
CA LEU B 4 18.63 -3.98 13.02
C LEU B 4 19.68 -4.64 13.90
N GLN B 5 19.25 -5.59 14.73
CA GLN B 5 20.13 -6.32 15.63
C GLN B 5 20.21 -7.78 15.16
N GLN B 6 21.36 -8.18 14.67
CA GLN B 6 21.56 -9.54 14.20
C GLN B 6 21.97 -10.45 15.36
N SER B 7 22.14 -11.73 15.07
CA SER B 7 22.55 -12.70 16.08
C SER B 7 24.05 -12.61 16.32
N GLY B 8 24.50 -13.23 17.40
CA GLY B 8 25.90 -13.25 17.74
C GLY B 8 26.70 -14.16 16.83
N ALA B 9 28.00 -14.24 17.10
CA ALA B 9 28.88 -15.09 16.31
C ALA B 9 28.53 -16.55 16.51
N GLU B 10 28.85 -17.36 15.50
CA GLU B 10 28.52 -18.78 15.50
C GLU B 10 29.77 -19.58 15.17
N LEU B 11 30.00 -20.66 15.94
CA LEU B 11 31.01 -21.66 15.62
C LEU B 11 30.27 -22.97 15.41
N VAL B 12 30.01 -23.33 14.15
CA VAL B 12 29.21 -24.50 13.81
C VAL B 12 30.13 -25.59 13.27
N ARG B 13 29.88 -26.82 13.70
CA ARG B 13 30.63 -27.95 13.19
C ARG B 13 30.37 -28.12 11.69
N PRO B 14 31.35 -28.58 10.93
CA PRO B 14 31.13 -28.79 9.49
C PRO B 14 30.16 -29.94 9.27
N GLY B 15 29.18 -29.71 8.40
CA GLY B 15 28.14 -30.66 8.11
C GLY B 15 26.81 -30.37 8.79
N ALA B 16 26.82 -29.56 9.84
CA ALA B 16 25.61 -29.17 10.54
C ALA B 16 25.00 -27.93 9.89
N SER B 17 23.87 -27.50 10.43
CA SER B 17 23.15 -26.34 9.93
C SER B 17 23.22 -25.21 10.95
N VAL B 18 22.68 -24.06 10.57
CA VAL B 18 22.63 -22.89 11.46
C VAL B 18 21.49 -22.01 10.98
N LYS B 19 20.96 -21.17 11.87
CA LYS B 19 19.88 -20.25 11.52
C LYS B 19 20.18 -18.89 12.15
N LEU B 20 20.41 -17.89 11.31
CA LEU B 20 20.71 -16.55 11.76
C LEU B 20 19.44 -15.70 11.79
N SER B 21 19.47 -14.66 12.63
CA SER B 21 18.33 -13.81 12.86
C SER B 21 18.68 -12.35 12.55
N CYS B 22 17.64 -11.53 12.47
CA CYS B 22 17.77 -10.11 12.13
C CYS B 22 16.54 -9.41 12.70
N LYS B 23 16.71 -8.75 13.85
CA LYS B 23 15.62 -8.09 14.54
C LYS B 23 15.50 -6.65 14.04
N ALA B 24 14.37 -6.35 13.39
CA ALA B 24 14.13 -5.04 12.82
C ALA B 24 13.27 -4.20 13.76
N SER B 25 13.65 -2.94 13.94
CA SER B 25 12.90 -2.02 14.78
C SER B 25 12.98 -0.63 14.20
N GLY B 26 11.89 0.13 14.33
CA GLY B 26 11.85 1.52 13.92
C GLY B 26 11.08 1.81 12.65
N TYR B 27 10.42 0.83 12.05
CA TYR B 27 9.62 1.05 10.86
C TYR B 27 8.55 -0.02 10.77
N THR B 28 7.72 0.07 9.74
CA THR B 28 6.68 -0.93 9.49
C THR B 28 7.34 -2.17 8.86
N PHE B 29 7.38 -3.26 9.62
CA PHE B 29 8.17 -4.43 9.24
C PHE B 29 7.71 -5.04 7.92
N THR B 30 6.46 -4.85 7.53
CA THR B 30 5.93 -5.46 6.32
C THR B 30 6.15 -4.62 5.06
N ASP B 31 6.62 -3.37 5.20
CA ASP B 31 6.75 -2.49 4.06
C ASP B 31 8.09 -2.61 3.35
N TYR B 32 9.16 -2.90 4.07
CA TYR B 32 10.51 -2.91 3.50
C TYR B 32 10.98 -4.33 3.25
N GLU B 33 11.61 -4.54 2.10
CA GLU B 33 12.19 -5.84 1.78
C GLU B 33 13.38 -6.14 2.68
N MET B 34 13.66 -7.44 2.86
CA MET B 34 14.78 -7.89 3.68
C MET B 34 15.72 -8.73 2.80
N HIS B 35 16.92 -8.22 2.57
CA HIS B 35 17.94 -8.90 1.78
C HIS B 35 19.03 -9.46 2.69
N TRP B 36 19.83 -10.36 2.13
CA TRP B 36 20.95 -10.95 2.84
C TRP B 36 22.17 -10.94 1.93
N VAL B 37 23.29 -10.45 2.47
CA VAL B 37 24.55 -10.33 1.73
C VAL B 37 25.63 -11.10 2.47
N LYS B 38 26.39 -11.90 1.73
CA LYS B 38 27.49 -12.68 2.28
C LYS B 38 28.82 -12.02 1.91
N GLN B 39 29.61 -11.68 2.92
CA GLN B 39 30.90 -11.02 2.71
C GLN B 39 32.02 -11.99 3.06
N THR B 40 32.88 -12.26 2.09
CA THR B 40 34.07 -13.09 2.18
C THR B 40 35.26 -12.31 1.66
N PRO B 41 36.46 -12.57 2.20
CA PRO B 41 37.65 -11.90 1.66
C PRO B 41 38.00 -12.32 0.24
N VAL B 42 37.54 -13.49 -0.20
CA VAL B 42 37.90 -13.99 -1.52
C VAL B 42 36.90 -13.57 -2.58
N HIS B 43 35.60 -13.66 -2.28
CA HIS B 43 34.57 -13.34 -3.25
C HIS B 43 33.95 -11.95 -3.05
N GLY B 44 34.31 -11.25 -1.97
CA GLY B 44 33.75 -9.93 -1.73
C GLY B 44 32.34 -9.97 -1.23
N LEU B 45 31.50 -9.05 -1.71
CA LEU B 45 30.09 -9.01 -1.35
C LEU B 45 29.29 -9.86 -2.32
N GLU B 46 28.60 -10.87 -1.81
CA GLU B 46 27.76 -11.75 -2.60
C GLU B 46 26.32 -11.64 -2.11
N TRP B 47 25.40 -11.44 -3.05
CA TRP B 47 23.99 -11.29 -2.71
C TRP B 47 23.34 -12.66 -2.58
N ILE B 48 22.85 -12.97 -1.37
CA ILE B 48 22.25 -14.27 -1.12
C ILE B 48 20.83 -14.31 -1.65
N GLY B 49 19.97 -13.44 -1.12
CA GLY B 49 18.59 -13.41 -1.54
C GLY B 49 17.82 -12.31 -0.85
N ALA B 50 16.52 -12.32 -1.07
CA ALA B 50 15.63 -11.32 -0.49
C ALA B 50 14.28 -11.95 -0.19
N ILE B 51 13.52 -11.28 0.67
CA ILE B 51 12.21 -11.77 1.11
C ILE B 51 11.33 -10.57 1.43
N ASP B 52 10.05 -10.67 1.06
CA ASP B 52 9.05 -9.67 1.39
C ASP B 52 8.33 -10.11 2.66
N PRO B 53 8.43 -9.36 3.76
CA PRO B 53 7.86 -9.85 5.03
C PRO B 53 6.35 -9.94 5.05
N GLU B 54 5.64 -9.21 4.16
CA GLU B 54 4.18 -9.23 4.21
C GLU B 54 3.61 -10.46 3.51
N THR B 55 4.21 -10.88 2.40
CA THR B 55 3.72 -12.02 1.65
C THR B 55 4.54 -13.29 1.88
N GLY B 56 5.77 -13.17 2.37
CA GLY B 56 6.61 -14.33 2.58
C GLY B 56 7.32 -14.84 1.35
N GLY B 57 7.07 -14.25 0.19
CA GLY B 57 7.75 -14.68 -1.02
C GLY B 57 9.23 -14.35 -0.96
N THR B 58 10.04 -15.29 -1.42
CA THR B 58 11.49 -15.17 -1.38
C THR B 58 12.05 -15.22 -2.80
N VAL B 59 13.34 -14.88 -2.90
CA VAL B 59 14.07 -14.97 -4.17
C VAL B 59 15.55 -15.12 -3.83
N TYR B 60 16.21 -16.06 -4.52
CA TYR B 60 17.59 -16.39 -4.20
C TYR B 60 18.48 -16.19 -5.43
N ASN B 61 19.78 -16.12 -5.15
CA ASN B 61 20.77 -16.18 -6.21
C ASN B 61 20.98 -17.62 -6.63
N GLN B 62 21.38 -17.81 -7.89
CA GLN B 62 21.54 -19.16 -8.42
C GLN B 62 22.65 -19.92 -7.67
N LYS B 63 23.61 -19.20 -7.09
CA LYS B 63 24.68 -19.86 -6.35
C LYS B 63 24.20 -20.32 -4.97
N PHE B 64 23.47 -19.46 -4.25
CA PHE B 64 23.00 -19.77 -2.91
C PHE B 64 21.61 -20.40 -2.91
N LYS B 65 21.14 -20.90 -4.05
CA LYS B 65 19.84 -21.55 -4.10
C LYS B 65 19.93 -22.92 -3.43
N GLY B 66 19.04 -23.16 -2.48
CA GLY B 66 19.03 -24.39 -1.70
C GLY B 66 19.92 -24.35 -0.47
N LYS B 67 21.07 -23.69 -0.58
CA LYS B 67 21.96 -23.54 0.58
C LYS B 67 21.28 -22.71 1.67
N ALA B 68 20.73 -21.56 1.31
CA ALA B 68 20.09 -20.66 2.25
C ALA B 68 18.57 -20.78 2.16
N THR B 69 17.91 -20.48 3.28
CA THR B 69 16.45 -20.46 3.34
C THR B 69 16.03 -19.24 4.15
N LEU B 70 15.41 -18.27 3.48
CA LEU B 70 15.00 -17.02 4.11
C LEU B 70 13.58 -17.14 4.63
N THR B 71 13.38 -16.76 5.89
CA THR B 71 12.07 -16.73 6.52
C THR B 71 11.89 -15.42 7.26
N ALA B 72 10.68 -15.18 7.75
CA ALA B 72 10.38 -13.93 8.43
C ALA B 72 9.16 -14.13 9.34
N ASP B 73 9.17 -13.42 10.46
CA ASP B 73 8.06 -13.42 11.41
C ASP B 73 7.63 -12.00 11.68
N ILE B 74 6.33 -11.75 11.53
CA ILE B 74 5.79 -10.40 11.63
C ILE B 74 5.46 -10.00 13.07
N SER B 75 5.02 -10.96 13.89
CA SER B 75 4.70 -10.65 15.28
C SER B 75 5.95 -10.22 16.05
N SER B 76 7.10 -10.82 15.73
CA SER B 76 8.37 -10.45 16.33
C SER B 76 9.20 -9.52 15.45
N THR B 77 8.77 -9.28 14.21
CA THR B 77 9.48 -8.44 13.25
C THR B 77 10.94 -8.87 13.12
N THR B 78 11.13 -10.14 12.80
CA THR B 78 12.47 -10.72 12.76
C THR B 78 12.63 -11.61 11.53
N ALA B 79 13.73 -11.44 10.82
CA ALA B 79 14.04 -12.26 9.66
C ALA B 79 15.04 -13.35 10.03
N TYR B 80 15.01 -14.45 9.28
CA TYR B 80 15.87 -15.60 9.57
C TYR B 80 16.47 -16.14 8.28
N MET B 81 17.63 -16.75 8.40
CA MET B 81 18.28 -17.42 7.27
C MET B 81 18.89 -18.72 7.74
N GLU B 82 18.43 -19.83 7.18
CA GLU B 82 18.94 -21.16 7.53
C GLU B 82 19.96 -21.60 6.50
N LEU B 83 21.16 -21.93 6.96
CA LEU B 83 22.24 -22.46 6.14
C LEU B 83 22.44 -23.92 6.49
N ARG B 84 22.30 -24.80 5.51
CA ARG B 84 22.44 -26.23 5.68
C ARG B 84 23.68 -26.74 4.93
N SER B 85 24.17 -27.89 5.38
CA SER B 85 25.34 -28.55 4.79
C SER B 85 26.55 -27.60 4.81
N LEU B 86 26.86 -27.12 6.00
CA LEU B 86 27.92 -26.13 6.16
C LEU B 86 29.29 -26.75 5.93
N THR B 87 30.19 -25.96 5.33
CA THR B 87 31.58 -26.34 5.13
C THR B 87 32.44 -25.13 5.48
N SER B 88 33.73 -25.21 5.15
CA SER B 88 34.63 -24.09 5.42
C SER B 88 34.38 -22.92 4.47
N GLU B 89 33.81 -23.18 3.29
CA GLU B 89 33.49 -22.10 2.36
C GLU B 89 32.38 -21.20 2.90
N ASP B 90 31.55 -21.71 3.81
CA ASP B 90 30.45 -20.93 4.36
C ASP B 90 30.86 -19.99 5.47
N SER B 91 32.07 -20.14 6.01
CA SER B 91 32.56 -19.21 7.03
C SER B 91 32.71 -17.82 6.41
N ALA B 92 31.96 -16.85 6.92
CA ALA B 92 31.87 -15.55 6.28
C ALA B 92 31.21 -14.58 7.25
N VAL B 93 30.95 -13.36 6.78
CA VAL B 93 30.25 -12.33 7.54
C VAL B 93 28.94 -12.04 6.83
N TYR B 94 27.82 -12.38 7.47
CA TYR B 94 26.51 -12.28 6.84
C TYR B 94 25.77 -11.05 7.35
N PHE B 95 25.22 -10.27 6.43
CA PHE B 95 24.46 -9.07 6.73
C PHE B 95 23.01 -9.22 6.27
N CYS B 96 22.11 -8.58 7.01
CA CYS B 96 20.73 -8.38 6.58
C CYS B 96 20.53 -6.90 6.29
N ILE B 97 19.81 -6.60 5.21
CA ILE B 97 19.66 -5.25 4.71
C ILE B 97 18.18 -5.00 4.47
N SER B 98 17.58 -4.09 5.26
CA SER B 98 16.21 -3.65 5.04
C SER B 98 16.21 -2.53 4.02
N GLU B 99 15.51 -2.72 2.90
CA GLU B 99 15.48 -1.75 1.81
C GLU B 99 14.24 -0.88 1.95
N ASP B 100 14.45 0.40 2.24
CA ASP B 100 13.35 1.35 2.39
C ASP B 100 12.61 1.53 1.07
N ILE B 101 11.38 2.03 1.17
CA ILE B 101 10.61 2.36 -0.04
C ILE B 101 11.31 3.47 -0.80
N ASP B 102 11.86 4.45 -0.08
CA ASP B 102 12.73 5.44 -0.69
C ASP B 102 14.03 4.76 -1.11
N GLU B 103 14.30 4.74 -2.42
CA GLU B 103 15.48 4.05 -2.94
C GLU B 103 16.78 4.68 -2.48
N SER B 104 16.75 5.88 -1.89
CA SER B 104 17.94 6.51 -1.38
C SER B 104 18.38 5.96 -0.03
N LYS B 105 17.52 5.20 0.65
CA LYS B 105 17.79 4.76 2.01
C LYS B 105 17.74 3.23 2.08
N ASP B 106 18.72 2.67 2.81
CA ASP B 106 18.73 1.25 3.15
C ASP B 106 19.45 1.10 4.47
N TYR B 107 19.18 -0.01 5.17
CA TYR B 107 19.65 -0.19 6.53
C TYR B 107 20.35 -1.53 6.67
N TRP B 108 21.59 -1.49 7.15
CA TRP B 108 22.42 -2.68 7.32
C TRP B 108 22.52 -3.06 8.80
N GLY B 109 22.65 -4.36 9.07
CA GLY B 109 22.94 -4.83 10.40
C GLY B 109 24.44 -4.87 10.68
N GLN B 110 24.78 -5.14 11.94
CA GLN B 110 26.18 -5.17 12.32
C GLN B 110 26.91 -6.38 11.77
N GLY B 111 26.19 -7.39 11.31
CA GLY B 111 26.82 -8.57 10.73
C GLY B 111 26.95 -9.71 11.72
N THR B 112 26.89 -10.92 11.20
CA THR B 112 27.08 -12.14 11.99
C THR B 112 28.26 -12.91 11.43
N THR B 113 29.19 -13.27 12.31
CA THR B 113 30.39 -13.99 11.90
C THR B 113 30.14 -15.49 12.02
N LEU B 114 30.14 -16.19 10.90
CA LEU B 114 29.95 -17.64 10.86
C LEU B 114 31.31 -18.29 10.64
N THR B 115 31.76 -19.03 11.66
CA THR B 115 32.98 -19.81 11.61
C THR B 115 32.61 -21.29 11.68
N VAL B 116 33.02 -22.06 10.67
CA VAL B 116 32.69 -23.47 10.56
C VAL B 116 33.98 -24.25 10.57
N SER B 117 34.23 -24.97 11.66
CA SER B 117 35.44 -25.77 11.80
C SER B 117 35.23 -26.81 12.90
N SER B 118 35.89 -27.96 12.74
CA SER B 118 35.83 -29.00 13.76
C SER B 118 36.64 -28.62 14.99
N ALA B 119 37.55 -27.66 14.88
CA ALA B 119 38.34 -27.23 16.03
C ALA B 119 37.44 -26.62 17.10
N LYS B 120 37.62 -27.08 18.33
CA LYS B 120 36.80 -26.62 19.43
C LYS B 120 37.28 -25.28 19.95
N THR B 121 36.39 -24.58 20.67
CA THR B 121 36.71 -23.27 21.21
C THR B 121 37.92 -23.35 22.14
N THR B 122 38.68 -22.26 22.18
CA THR B 122 39.88 -22.17 23.02
C THR B 122 39.96 -20.78 23.60
N ALA B 123 40.02 -20.68 24.92
CA ALA B 123 40.12 -19.38 25.58
C ALA B 123 41.50 -18.78 25.33
N PRO B 124 41.60 -17.46 25.26
CA PRO B 124 42.88 -16.82 24.96
C PRO B 124 43.79 -16.75 26.18
N SER B 125 45.08 -16.68 25.91
CA SER B 125 46.11 -16.47 26.92
C SER B 125 46.62 -15.04 26.77
N VAL B 126 46.33 -14.21 27.77
CA VAL B 126 46.66 -12.79 27.72
C VAL B 126 47.95 -12.56 28.50
N TYR B 127 48.95 -12.00 27.82
CA TYR B 127 50.26 -11.74 28.39
C TYR B 127 50.54 -10.24 28.38
N PRO B 128 50.96 -9.66 29.50
CA PRO B 128 51.25 -8.22 29.52
C PRO B 128 52.63 -7.93 28.96
N LEU B 129 52.71 -6.85 28.18
CA LEU B 129 53.96 -6.39 27.58
C LEU B 129 54.32 -5.05 28.21
N ALA B 130 55.38 -5.04 29.01
CA ALA B 130 55.81 -3.84 29.69
C ALA B 130 57.19 -3.42 29.20
N PRO B 131 57.52 -2.13 29.26
CA PRO B 131 58.85 -1.67 28.83
C PRO B 131 59.96 -2.32 29.65
N VAL B 132 61.19 -2.08 29.19
CA VAL B 132 62.36 -2.82 29.68
C VAL B 132 63.00 -2.12 30.87
N CYS B 133 62.33 -1.11 31.42
CA CYS B 133 62.75 -0.29 32.56
C CYS B 133 63.84 0.71 32.16
N GLY B 134 64.35 0.64 30.93
CA GLY B 134 65.33 1.59 30.47
C GLY B 134 64.84 2.48 29.33
N ASP B 135 63.65 2.19 28.82
CA ASP B 135 63.06 2.94 27.72
C ASP B 135 61.87 3.79 28.16
N THR B 136 61.85 4.18 29.44
CA THR B 136 60.84 5.09 29.96
C THR B 136 61.36 6.52 30.07
N SER B 137 62.36 6.87 29.25
CA SER B 137 62.99 8.17 29.31
C SER B 137 62.60 9.09 28.16
N GLY B 138 61.91 8.58 27.14
CA GLY B 138 61.47 9.40 26.03
C GLY B 138 60.33 10.32 26.42
N SER B 139 59.76 10.96 25.40
CA SER B 139 58.63 11.85 25.60
C SER B 139 57.32 11.10 25.87
N SER B 140 57.30 9.78 25.70
CA SER B 140 56.09 8.99 25.90
C SER B 140 56.49 7.57 26.26
N VAL B 141 55.50 6.74 26.56
CA VAL B 141 55.72 5.34 26.88
C VAL B 141 54.66 4.50 26.16
N THR B 142 55.01 3.25 25.88
CA THR B 142 54.16 2.34 25.13
C THR B 142 54.09 1.00 25.85
N LEU B 143 52.87 0.50 26.04
CA LEU B 143 52.63 -0.80 26.64
C LEU B 143 51.95 -1.69 25.62
N GLY B 144 51.92 -3.00 25.91
CA GLY B 144 51.39 -3.97 24.97
C GLY B 144 50.59 -5.05 25.68
N CYS B 145 49.84 -5.80 24.86
CA CYS B 145 48.97 -6.86 25.33
C CYS B 145 48.96 -7.95 24.28
N LEU B 146 49.36 -9.17 24.66
CA LEU B 146 49.52 -10.28 23.72
C LEU B 146 48.41 -11.30 23.96
N VAL B 147 47.48 -11.41 23.02
CA VAL B 147 46.35 -12.32 23.11
C VAL B 147 46.72 -13.53 22.25
N LYS B 148 47.33 -14.53 22.86
CA LYS B 148 47.90 -15.65 22.12
C LYS B 148 47.10 -16.93 22.36
N GLY B 149 46.97 -17.73 21.31
CA GLY B 149 46.41 -19.07 21.42
C GLY B 149 44.94 -19.12 21.78
N TYR B 150 44.08 -18.69 20.86
CA TYR B 150 42.64 -18.77 21.07
C TYR B 150 41.97 -19.17 19.76
N PHE B 151 40.70 -19.58 19.88
CA PHE B 151 39.89 -19.96 18.74
C PHE B 151 38.42 -20.03 19.16
N PRO B 152 37.49 -19.56 18.32
CA PRO B 152 37.76 -18.86 17.06
C PRO B 152 37.73 -17.35 17.19
N GLU B 153 37.74 -16.67 16.05
CA GLU B 153 37.55 -15.23 16.05
C GLU B 153 36.08 -14.91 16.35
N PRO B 154 35.80 -13.72 16.91
CA PRO B 154 36.77 -12.68 17.28
C PRO B 154 37.00 -12.53 18.77
N VAL B 155 37.92 -11.64 19.13
CA VAL B 155 38.12 -11.19 20.51
C VAL B 155 38.08 -9.67 20.50
N THR B 156 37.47 -9.09 21.54
CA THR B 156 37.36 -7.65 21.67
C THR B 156 38.33 -7.19 22.75
N LEU B 157 39.29 -6.36 22.38
CA LEU B 157 40.32 -5.86 23.28
C LEU B 157 40.11 -4.37 23.51
N THR B 158 40.32 -3.93 24.75
CA THR B 158 40.20 -2.53 25.11
C THR B 158 41.32 -2.17 26.07
N TRP B 159 41.45 -0.88 26.36
CA TRP B 159 42.43 -0.37 27.31
C TRP B 159 41.72 0.52 28.31
N ASN B 160 41.89 0.20 29.60
CA ASN B 160 41.19 0.90 30.69
C ASN B 160 39.69 0.96 30.44
N SER B 161 39.13 -0.17 30.00
CA SER B 161 37.70 -0.28 29.69
C SER B 161 37.28 0.72 28.63
N GLY B 162 38.12 0.90 27.61
CA GLY B 162 37.82 1.80 26.52
C GLY B 162 38.09 3.27 26.77
N SER B 163 38.40 3.66 28.01
CA SER B 163 38.68 5.05 28.34
C SER B 163 40.05 5.51 27.84
N LEU B 164 40.73 4.67 27.06
CA LEU B 164 42.04 4.99 26.50
C LEU B 164 42.04 4.46 25.06
N SER B 165 41.63 5.32 24.12
CA SER B 165 41.38 4.92 22.74
C SER B 165 42.37 5.50 21.74
N SER B 166 42.60 6.81 21.78
CA SER B 166 43.58 7.41 20.88
C SER B 166 44.98 6.99 21.29
N GLY B 167 45.83 6.74 20.30
CA GLY B 167 47.13 6.17 20.58
C GLY B 167 47.12 4.69 20.85
N VAL B 168 46.12 3.97 20.35
CA VAL B 168 45.99 2.52 20.53
C VAL B 168 45.98 1.88 19.15
N HIS B 169 46.76 0.81 19.00
CA HIS B 169 46.83 0.04 17.76
C HIS B 169 46.58 -1.42 18.09
N THR B 170 45.46 -1.96 17.63
CA THR B 170 45.16 -3.38 17.76
C THR B 170 45.31 -4.04 16.39
N PHE B 171 46.02 -5.16 16.35
CA PHE B 171 46.43 -5.74 15.10
C PHE B 171 45.56 -6.94 14.73
N PRO B 172 45.43 -7.22 13.43
CA PRO B 172 44.69 -8.43 13.02
C PRO B 172 45.37 -9.70 13.51
N ALA B 173 44.56 -10.61 14.04
CA ALA B 173 45.10 -11.88 14.52
C ALA B 173 45.59 -12.73 13.35
N VAL B 174 46.62 -13.53 13.62
CA VAL B 174 47.19 -14.44 12.63
C VAL B 174 46.95 -15.87 13.11
N LEU B 175 46.47 -16.72 12.21
CA LEU B 175 46.12 -18.09 12.55
C LEU B 175 47.34 -18.99 12.36
N GLN B 176 47.69 -19.71 13.42
CA GLN B 176 48.79 -20.67 13.38
C GLN B 176 48.43 -21.86 14.24
N SER B 177 48.53 -23.06 13.65
CA SER B 177 48.23 -24.31 14.35
C SER B 177 46.82 -24.27 14.96
N ASP B 178 45.86 -23.75 14.19
CA ASP B 178 44.47 -23.61 14.62
C ASP B 178 44.35 -22.77 15.89
N LEU B 179 45.24 -21.80 16.07
CA LEU B 179 45.18 -20.88 17.20
C LEU B 179 45.52 -19.48 16.72
N TYR B 180 44.67 -18.51 17.07
CA TYR B 180 44.89 -17.13 16.67
C TYR B 180 45.85 -16.44 17.63
N THR B 181 46.70 -15.58 17.08
CA THR B 181 47.63 -14.77 17.87
C THR B 181 47.44 -13.31 17.51
N LEU B 182 47.22 -12.48 18.53
CA LEU B 182 46.88 -11.08 18.35
C LEU B 182 47.70 -10.27 19.36
N SER B 183 47.79 -8.97 19.12
CA SER B 183 48.51 -8.09 20.02
C SER B 183 47.98 -6.67 19.88
N SER B 184 48.26 -5.85 20.89
CA SER B 184 47.80 -4.48 20.91
C SER B 184 48.84 -3.62 21.63
N SER B 185 48.93 -2.35 21.23
CA SER B 185 49.86 -1.40 21.82
C SER B 185 49.13 -0.12 22.17
N VAL B 186 49.53 0.50 23.28
CA VAL B 186 48.94 1.75 23.74
C VAL B 186 50.07 2.71 24.10
N THR B 187 49.98 3.94 23.60
CA THR B 187 50.98 4.97 23.87
C THR B 187 50.35 6.07 24.71
N VAL B 188 51.02 6.42 25.82
CA VAL B 188 50.57 7.49 26.70
C VAL B 188 51.76 8.35 27.06
N THR B 189 51.48 9.46 27.74
CA THR B 189 52.53 10.38 28.16
C THR B 189 53.43 9.74 29.22
N SER B 190 54.62 10.30 29.38
CA SER B 190 55.59 9.75 30.32
C SER B 190 55.10 9.85 31.76
N SER B 191 54.25 10.84 32.06
CA SER B 191 53.77 11.03 33.42
C SER B 191 52.62 10.10 33.78
N THR B 192 51.97 9.48 32.79
CA THR B 192 50.79 8.67 33.06
C THR B 192 51.16 7.32 33.69
N TRP B 193 52.08 6.60 33.06
CA TRP B 193 52.49 5.29 33.53
C TRP B 193 53.85 5.35 34.20
N PRO B 194 54.08 4.60 35.27
CA PRO B 194 53.14 3.67 35.91
C PRO B 194 52.39 4.24 37.12
N SER B 195 52.37 5.56 37.28
CA SER B 195 51.64 6.14 38.40
C SER B 195 50.16 5.84 38.31
N GLN B 196 49.59 5.93 37.11
CA GLN B 196 48.21 5.55 36.86
C GLN B 196 48.17 4.17 36.23
N SER B 197 47.28 3.31 36.73
CA SER B 197 47.25 1.94 36.27
C SER B 197 46.68 1.84 34.86
N ILE B 198 47.23 0.93 34.07
CA ILE B 198 46.80 0.69 32.69
C ILE B 198 46.58 -0.79 32.52
N THR B 199 45.38 -1.17 32.09
CA THR B 199 44.96 -2.56 31.99
C THR B 199 44.37 -2.82 30.62
N CYS B 200 44.75 -3.93 30.00
CA CYS B 200 44.13 -4.37 28.75
C CYS B 200 43.05 -5.40 29.07
N ASN B 201 41.88 -5.22 28.46
CA ASN B 201 40.69 -6.02 28.72
C ASN B 201 40.38 -6.83 27.48
N VAL B 202 40.55 -8.14 27.56
CA VAL B 202 40.39 -9.05 26.43
C VAL B 202 39.14 -9.89 26.67
N ALA B 203 38.26 -9.91 25.68
CA ALA B 203 37.01 -10.66 25.76
C ALA B 203 36.92 -11.64 24.60
N HIS B 204 36.61 -12.90 24.92
CA HIS B 204 36.42 -13.95 23.93
C HIS B 204 35.04 -14.55 24.14
N PRO B 205 34.05 -14.18 23.33
CA PRO B 205 32.68 -14.64 23.60
C PRO B 205 32.49 -16.12 23.36
N ALA B 206 33.23 -16.73 22.44
CA ALA B 206 33.02 -18.14 22.11
C ALA B 206 33.31 -19.03 23.31
N SER B 207 34.19 -18.59 24.22
CA SER B 207 34.48 -19.33 25.44
C SER B 207 33.93 -18.64 26.68
N SER B 208 33.18 -17.55 26.50
CA SER B 208 32.64 -16.76 27.62
C SER B 208 33.76 -16.31 28.55
N THR B 209 34.78 -15.69 27.97
CA THR B 209 36.00 -15.32 28.68
C THR B 209 36.16 -13.79 28.68
N LYS B 210 36.63 -13.26 29.80
CA LYS B 210 37.08 -11.87 29.85
C LYS B 210 38.20 -11.77 30.86
N VAL B 211 39.42 -11.62 30.38
CA VAL B 211 40.60 -11.49 31.22
C VAL B 211 41.05 -10.04 31.19
N ASP B 212 41.31 -9.48 32.37
CA ASP B 212 41.84 -8.13 32.52
C ASP B 212 43.28 -8.23 33.03
N LYS B 213 44.23 -7.71 32.26
CA LYS B 213 45.64 -7.84 32.57
C LYS B 213 46.23 -6.46 32.82
N LYS B 214 46.76 -6.24 34.03
CA LYS B 214 47.42 -4.99 34.34
C LYS B 214 48.82 -4.96 33.76
N ILE B 215 49.28 -3.76 33.42
CA ILE B 215 50.65 -3.53 32.96
C ILE B 215 51.40 -2.86 34.10
N GLU B 216 52.36 -3.57 34.67
CA GLU B 216 53.13 -3.10 35.81
C GLU B 216 54.61 -3.17 35.50
N PRO B 217 55.42 -2.31 36.12
CA PRO B 217 56.84 -2.27 35.79
C PRO B 217 57.54 -3.58 36.12
N ARG B 218 58.74 -3.73 35.57
CA ARG B 218 59.54 -4.92 35.80
C ARG B 218 60.52 -4.71 36.96
N ASP C 1 22.53 -13.80 -14.93
CA ASP C 1 23.10 -13.03 -13.84
C ASP C 1 24.02 -11.92 -14.37
N ILE C 2 23.87 -10.73 -13.81
CA ILE C 2 24.69 -9.58 -14.19
C ILE C 2 25.97 -9.59 -13.36
N VAL C 3 27.11 -9.39 -14.02
CA VAL C 3 28.41 -9.38 -13.37
C VAL C 3 28.95 -7.96 -13.37
N MET C 4 29.47 -7.53 -12.23
CA MET C 4 30.03 -6.19 -12.07
C MET C 4 31.55 -6.28 -11.91
N THR C 5 32.26 -5.32 -12.49
CA THR C 5 33.71 -5.26 -12.43
C THR C 5 34.13 -3.80 -12.30
N GLN C 6 34.88 -3.48 -11.25
CA GLN C 6 35.30 -2.12 -10.96
C GLN C 6 36.76 -1.92 -11.33
N SER C 7 37.17 -0.64 -11.33
CA SER C 7 38.53 -0.27 -11.67
C SER C 7 38.82 1.12 -11.13
N PRO C 8 39.99 1.35 -10.52
CA PRO C 8 40.99 0.31 -10.28
C PRO C 8 40.73 -0.46 -8.99
N SER C 9 41.55 -1.48 -8.72
CA SER C 9 41.42 -2.22 -7.48
C SER C 9 41.95 -1.44 -6.30
N SER C 10 43.10 -0.79 -6.48
CA SER C 10 43.71 0.05 -5.45
C SER C 10 44.10 1.38 -6.08
N LEU C 11 43.92 2.46 -5.31
CA LEU C 11 44.18 3.80 -5.81
C LEU C 11 44.64 4.70 -4.67
N ALA C 12 45.80 5.33 -4.85
CA ALA C 12 46.33 6.29 -3.91
C ALA C 12 46.22 7.70 -4.47
N VAL C 13 46.00 8.67 -3.59
CA VAL C 13 45.82 10.06 -4.00
C VAL C 13 46.17 10.95 -2.82
N SER C 14 46.46 12.22 -3.09
CA SER C 14 46.76 13.17 -2.04
C SER C 14 45.45 13.78 -1.51
N ALA C 15 45.58 14.63 -0.49
CA ALA C 15 44.43 15.31 0.08
C ALA C 15 44.04 16.49 -0.78
N GLY C 16 42.75 16.59 -1.12
CA GLY C 16 42.26 17.64 -1.97
C GLY C 16 42.33 17.36 -3.45
N GLU C 17 42.89 16.23 -3.84
CA GLU C 17 43.06 15.87 -5.25
C GLU C 17 41.84 15.13 -5.77
N LYS C 18 41.69 15.13 -7.10
CA LYS C 18 40.53 14.52 -7.74
C LYS C 18 40.72 13.01 -7.87
N VAL C 19 39.61 12.28 -7.87
CA VAL C 19 39.61 10.84 -7.98
C VAL C 19 38.44 10.40 -8.85
N THR C 20 38.69 9.44 -9.73
CA THR C 20 37.67 8.91 -10.64
C THR C 20 37.67 7.39 -10.58
N LEU C 21 36.55 6.81 -10.15
CA LEU C 21 36.38 5.36 -10.08
C LEU C 21 35.43 4.92 -11.17
N SER C 22 35.65 3.70 -11.68
CA SER C 22 34.85 3.17 -12.78
C SER C 22 34.20 1.85 -12.38
N CYS C 23 32.95 1.67 -12.82
CA CYS C 23 32.17 0.46 -12.56
C CYS C 23 31.53 0.04 -13.87
N LYS C 24 31.96 -1.11 -14.38
CA LYS C 24 31.45 -1.67 -15.63
C LYS C 24 30.57 -2.87 -15.35
N SER C 25 29.44 -2.94 -16.04
CA SER C 25 28.50 -4.05 -15.92
C SER C 25 28.47 -4.85 -17.21
N SER C 26 28.21 -6.15 -17.08
CA SER C 26 28.12 -7.04 -18.23
C SER C 26 26.81 -6.88 -19.00
N GLN C 27 25.87 -6.10 -18.47
CA GLN C 27 24.58 -5.88 -19.12
C GLN C 27 24.11 -4.46 -18.85
N SER C 28 23.32 -3.93 -19.77
CA SER C 28 22.77 -2.59 -19.60
C SER C 28 21.87 -2.54 -18.37
N LEU C 29 21.97 -1.44 -17.62
CA LEU C 29 21.19 -1.25 -16.40
C LEU C 29 20.15 -0.15 -16.57
N PHE C 30 19.68 0.08 -17.79
CA PHE C 30 18.72 1.12 -18.08
C PHE C 30 17.34 0.51 -18.27
N ASN C 31 16.39 0.91 -17.42
CA ASN C 31 15.00 0.49 -17.55
C ASN C 31 14.26 1.55 -18.35
N SER C 32 13.87 1.20 -19.58
CA SER C 32 13.20 2.17 -20.45
C SER C 32 11.84 2.59 -19.90
N ARG C 33 11.22 1.77 -19.06
CA ARG C 33 9.93 2.14 -18.49
C ARG C 33 10.07 3.27 -17.47
N THR C 34 10.95 3.09 -16.49
CA THR C 34 11.16 4.10 -15.46
C THR C 34 12.20 5.14 -15.84
N ARG C 35 12.96 4.92 -16.92
CA ARG C 35 13.96 5.86 -17.41
C ARG C 35 14.99 6.18 -16.32
N LYS C 36 15.47 5.13 -15.65
CA LYS C 36 16.44 5.26 -14.58
C LYS C 36 17.48 4.16 -14.69
N ASN C 37 18.75 4.52 -14.55
CA ASN C 37 19.84 3.56 -14.51
C ASN C 37 20.02 3.11 -13.07
N TYR C 38 19.56 1.89 -12.76
CA TYR C 38 19.59 1.38 -11.39
C TYR C 38 21.00 0.94 -11.05
N LEU C 39 21.81 1.90 -10.61
CA LEU C 39 23.20 1.66 -10.24
C LEU C 39 23.52 2.53 -9.03
N ALA C 40 24.04 1.92 -7.97
CA ALA C 40 24.31 2.62 -6.72
C ALA C 40 25.78 2.48 -6.34
N TRP C 41 26.27 3.47 -5.61
CA TRP C 41 27.63 3.48 -5.09
C TRP C 41 27.59 3.41 -3.57
N TYR C 42 28.37 2.51 -3.00
CA TYR C 42 28.44 2.31 -1.55
C TYR C 42 29.85 2.60 -1.06
N GLN C 43 29.93 3.17 0.15
CA GLN C 43 31.20 3.46 0.80
C GLN C 43 31.28 2.63 2.08
N GLN C 44 32.15 1.61 2.08
CA GLN C 44 32.35 0.76 3.25
C GLN C 44 33.68 1.14 3.90
N LYS C 45 33.60 1.76 5.07
CA LYS C 45 34.80 2.03 5.84
C LYS C 45 35.16 0.79 6.66
N PRO C 46 36.45 0.60 6.96
CA PRO C 46 36.86 -0.59 7.72
C PRO C 46 36.18 -0.64 9.07
N GLY C 47 35.64 -1.80 9.41
CA GLY C 47 34.92 -2.01 10.65
C GLY C 47 33.46 -1.61 10.62
N LEU C 48 32.97 -1.07 9.51
CA LEU C 48 31.61 -0.58 9.40
C LEU C 48 30.89 -1.25 8.24
N SER C 49 29.60 -0.96 8.13
CA SER C 49 28.75 -1.46 7.07
C SER C 49 28.75 -0.48 5.89
N PRO C 50 28.45 -0.96 4.69
CA PRO C 50 28.39 -0.05 3.53
C PRO C 50 27.27 0.96 3.69
N THR C 51 27.54 2.20 3.30
CA THR C 51 26.56 3.27 3.30
C THR C 51 26.31 3.74 1.88
N LEU C 52 25.07 4.15 1.60
CA LEU C 52 24.68 4.57 0.27
C LEU C 52 25.15 6.00 0.01
N LEU C 53 25.74 6.22 -1.16
CA LEU C 53 26.17 7.54 -1.59
C LEU C 53 25.40 8.05 -2.80
N ILE C 54 25.37 7.27 -3.88
CA ILE C 54 24.73 7.66 -5.13
C ILE C 54 23.75 6.56 -5.52
N TYR C 55 22.50 6.94 -5.78
CA TYR C 55 21.51 6.02 -6.33
C TYR C 55 21.04 6.57 -7.67
N TRP C 56 20.52 5.67 -8.51
CA TRP C 56 20.17 5.95 -9.90
C TRP C 56 21.36 6.40 -10.72
N ALA C 57 22.58 6.16 -10.21
CA ALA C 57 23.84 6.35 -10.90
C ALA C 57 24.18 7.82 -11.15
N SER C 58 23.26 8.73 -10.86
CA SER C 58 23.55 10.15 -10.95
C SER C 58 22.95 10.99 -9.84
N THR C 59 22.15 10.41 -8.94
CA THR C 59 21.44 11.17 -7.92
C THR C 59 22.10 10.94 -6.57
N ARG C 60 22.44 12.03 -5.90
CA ARG C 60 23.16 11.97 -4.63
C ARG C 60 22.18 11.91 -3.48
N LYS C 61 22.40 10.96 -2.57
CA LYS C 61 21.56 10.83 -1.38
C LYS C 61 21.69 12.07 -0.51
N SER C 62 20.58 12.46 0.11
CA SER C 62 20.59 13.61 1.01
C SER C 62 21.53 13.36 2.18
N GLY C 63 22.36 14.35 2.47
CA GLY C 63 23.38 14.27 3.49
C GLY C 63 24.77 14.00 2.98
N VAL C 64 24.88 13.35 1.82
CA VAL C 64 26.19 13.08 1.23
C VAL C 64 26.77 14.39 0.69
N PRO C 65 28.03 14.71 0.99
CA PRO C 65 28.62 15.95 0.48
C PRO C 65 28.60 15.98 -1.04
N ASP C 66 28.52 17.20 -1.58
CA ASP C 66 28.40 17.37 -3.03
C ASP C 66 29.66 17.03 -3.80
N ARG C 67 30.77 16.70 -3.12
CA ARG C 67 31.97 16.31 -3.83
C ARG C 67 31.81 14.94 -4.48
N PHE C 68 31.06 14.03 -3.86
CA PHE C 68 30.72 12.76 -4.47
C PHE C 68 29.73 13.00 -5.61
N THR C 69 30.12 12.62 -6.83
CA THR C 69 29.28 12.82 -8.00
C THR C 69 29.39 11.61 -8.91
N GLY C 70 28.31 10.85 -9.03
CA GLY C 70 28.27 9.69 -9.90
C GLY C 70 27.68 10.03 -11.25
N SER C 71 28.16 9.36 -12.29
CA SER C 71 27.66 9.57 -13.64
C SER C 71 27.82 8.26 -14.42
N GLY C 72 27.44 8.30 -15.70
CA GLY C 72 27.51 7.15 -16.56
C GLY C 72 26.11 6.66 -16.95
N SER C 73 26.11 5.70 -17.87
CA SER C 73 24.87 5.12 -18.36
C SER C 73 25.17 3.74 -18.93
N GLY C 74 24.11 3.03 -19.30
CA GLY C 74 24.23 1.75 -19.95
C GLY C 74 25.01 0.73 -19.13
N THR C 75 26.24 0.45 -19.56
CA THR C 75 27.11 -0.48 -18.88
C THR C 75 28.32 0.18 -18.21
N ASP C 76 28.52 1.47 -18.40
CA ASP C 76 29.70 2.16 -17.88
C ASP C 76 29.27 3.26 -16.91
N PHE C 77 29.81 3.23 -15.69
CA PHE C 77 29.50 4.21 -14.67
C PHE C 77 30.78 4.67 -14.00
N THR C 78 30.71 5.82 -13.34
CA THR C 78 31.86 6.40 -12.65
C THR C 78 31.41 7.10 -11.38
N LEU C 79 32.29 7.07 -10.37
CA LEU C 79 32.12 7.84 -9.15
C LEU C 79 33.29 8.81 -9.04
N THR C 80 33.01 10.10 -9.03
CA THR C 80 34.03 11.13 -9.01
C THR C 80 34.03 11.85 -7.67
N ILE C 81 35.19 11.90 -7.04
CA ILE C 81 35.40 12.65 -5.81
C ILE C 81 36.25 13.86 -6.17
N THR C 82 35.66 15.05 -6.08
CA THR C 82 36.32 16.26 -6.56
C THR C 82 37.42 16.73 -5.62
N SER C 83 37.20 16.63 -4.31
CA SER C 83 38.17 17.06 -3.31
C SER C 83 38.25 15.96 -2.24
N VAL C 84 39.16 15.01 -2.44
CA VAL C 84 39.28 13.88 -1.51
C VAL C 84 39.80 14.37 -0.16
N GLN C 85 39.16 13.89 0.90
CA GLN C 85 39.56 14.21 2.26
C GLN C 85 40.00 12.93 2.98
N ALA C 86 40.69 13.11 4.11
CA ALA C 86 41.18 11.97 4.86
C ALA C 86 40.05 11.09 5.36
N GLU C 87 38.86 11.64 5.52
CA GLU C 87 37.70 10.87 5.94
C GLU C 87 37.20 9.93 4.85
N ASP C 88 37.66 10.08 3.62
CA ASP C 88 37.21 9.26 2.50
C ASP C 88 37.94 7.92 2.41
N LEU C 89 38.78 7.59 3.38
CA LEU C 89 39.47 6.30 3.40
C LEU C 89 38.44 5.19 3.58
N ALA C 90 38.16 4.45 2.51
CA ALA C 90 37.20 3.36 2.55
C ALA C 90 37.34 2.56 1.26
N VAL C 91 36.46 1.58 1.10
CA VAL C 91 36.36 0.79 -0.12
C VAL C 91 35.00 1.07 -0.74
N TYR C 92 35.00 1.49 -1.99
CA TYR C 92 33.79 1.91 -2.68
C TYR C 92 33.31 0.79 -3.61
N TYR C 93 32.13 0.26 -3.35
CA TYR C 93 31.51 -0.74 -4.19
C TYR C 93 30.43 -0.10 -5.06
N CYS C 94 29.98 -0.86 -6.06
CA CYS C 94 28.85 -0.47 -6.89
C CYS C 94 27.89 -1.64 -7.00
N LYS C 95 26.62 -1.38 -6.69
CA LYS C 95 25.59 -2.41 -6.70
C LYS C 95 24.60 -2.11 -7.82
N GLN C 96 24.30 -3.13 -8.62
CA GLN C 96 23.28 -3.03 -9.65
C GLN C 96 21.94 -3.48 -9.11
N SER C 97 20.87 -2.84 -9.57
CA SER C 97 19.52 -3.19 -9.16
C SER C 97 18.60 -3.45 -10.35
N TYR C 98 19.15 -3.60 -11.56
CA TYR C 98 18.35 -3.93 -12.72
C TYR C 98 17.82 -5.36 -12.60
N TYR C 99 18.72 -6.33 -12.51
CA TYR C 99 18.36 -7.68 -12.09
C TYR C 99 18.44 -7.74 -10.57
N LEU C 100 18.43 -8.95 -10.00
CA LEU C 100 18.25 -9.14 -8.57
C LEU C 100 19.17 -8.25 -7.74
N ARG C 101 20.47 -8.52 -7.77
CA ARG C 101 21.49 -7.67 -7.14
C ARG C 101 22.88 -8.23 -7.42
N THR C 102 23.88 -7.35 -7.52
CA THR C 102 25.27 -7.77 -7.70
C THR C 102 26.19 -6.61 -7.37
N PHE C 103 27.14 -6.84 -6.48
CA PHE C 103 28.13 -5.84 -6.13
C PHE C 103 29.37 -5.99 -7.02
N GLY C 104 30.20 -4.95 -7.02
CA GLY C 104 31.45 -4.98 -7.75
C GLY C 104 32.60 -5.47 -6.89
N GLY C 105 33.78 -5.49 -7.49
CA GLY C 105 34.98 -5.90 -6.77
C GLY C 105 35.41 -4.92 -5.70
N GLY C 106 35.01 -3.66 -5.83
CA GLY C 106 35.41 -2.64 -4.87
C GLY C 106 36.67 -1.90 -5.28
N THR C 107 36.84 -0.71 -4.71
CA THR C 107 38.01 0.12 -4.96
C THR C 107 38.49 0.69 -3.64
N LYS C 108 39.71 0.35 -3.24
CA LYS C 108 40.26 0.81 -1.98
C LYS C 108 40.93 2.16 -2.19
N LEU C 109 40.48 3.17 -1.43
CA LEU C 109 41.01 4.53 -1.55
C LEU C 109 42.01 4.77 -0.43
N GLU C 110 43.25 5.08 -0.79
CA GLU C 110 44.30 5.44 0.15
C GLU C 110 44.72 6.88 -0.10
N ILE C 111 44.91 7.64 0.98
CA ILE C 111 45.34 9.02 0.85
C ILE C 111 46.84 9.11 1.14
N LYS C 112 47.49 10.09 0.53
CA LYS C 112 48.91 10.31 0.68
C LYS C 112 49.17 11.40 1.72
N ARG C 113 50.25 11.23 2.49
CA ARG C 113 50.61 12.17 3.53
C ARG C 113 52.13 12.27 3.59
N ALA C 114 52.63 13.04 4.55
CA ALA C 114 54.06 13.19 4.72
C ALA C 114 54.70 11.91 5.21
N ASP C 115 55.95 11.69 4.81
CA ASP C 115 56.68 10.52 5.28
C ASP C 115 56.91 10.62 6.79
N ALA C 116 56.69 9.50 7.47
CA ALA C 116 56.81 9.45 8.93
C ALA C 116 57.71 8.30 9.32
N ALA C 117 58.67 8.57 10.20
CA ALA C 117 59.56 7.53 10.68
C ALA C 117 58.83 6.62 11.66
N PRO C 118 59.01 5.30 11.56
CA PRO C 118 58.30 4.40 12.47
C PRO C 118 58.81 4.52 13.89
N THR C 119 57.87 4.53 14.83
CA THR C 119 58.18 4.52 16.25
C THR C 119 58.25 3.06 16.71
N VAL C 120 59.47 2.60 16.99
CA VAL C 120 59.75 1.20 17.27
C VAL C 120 59.85 0.98 18.77
N SER C 121 59.21 -0.09 19.25
CA SER C 121 59.28 -0.47 20.65
C SER C 121 59.43 -1.98 20.75
N ILE C 122 60.19 -2.44 21.73
CA ILE C 122 60.50 -3.86 21.89
C ILE C 122 60.12 -4.29 23.31
N PHE C 123 59.59 -5.50 23.43
CA PHE C 123 59.03 -6.03 24.66
C PHE C 123 59.47 -7.47 24.89
N PRO C 124 60.18 -7.75 25.97
CA PRO C 124 60.58 -9.13 26.28
C PRO C 124 59.37 -9.96 26.65
N PRO C 125 59.52 -11.29 26.66
CA PRO C 125 58.40 -12.15 27.08
C PRO C 125 57.97 -11.85 28.50
N SER C 126 56.66 -11.94 28.75
CA SER C 126 56.14 -11.76 30.09
C SER C 126 56.56 -12.94 30.98
N SER C 127 56.25 -12.81 32.27
CA SER C 127 56.63 -13.86 33.21
C SER C 127 55.73 -15.09 33.09
N GLU C 128 54.41 -14.87 32.99
CA GLU C 128 53.49 -16.00 32.93
C GLU C 128 53.70 -16.83 31.65
N GLN C 129 54.07 -16.18 30.55
CA GLN C 129 54.35 -16.94 29.33
C GLN C 129 55.56 -17.84 29.51
N LEU C 130 56.60 -17.34 30.18
CA LEU C 130 57.74 -18.20 30.52
C LEU C 130 57.34 -19.31 31.48
N THR C 131 56.35 -19.04 32.34
CA THR C 131 55.84 -20.09 33.21
C THR C 131 55.15 -21.19 32.40
N SER C 132 54.42 -20.82 31.35
CA SER C 132 53.80 -21.81 30.49
C SER C 132 54.82 -22.64 29.72
N GLY C 133 56.02 -22.10 29.50
CA GLY C 133 57.07 -22.78 28.77
C GLY C 133 57.44 -22.13 27.45
N GLY C 134 56.72 -21.10 27.02
CA GLY C 134 57.02 -20.41 25.78
C GLY C 134 57.58 -19.02 26.02
N ALA C 135 58.06 -18.42 24.93
CA ALA C 135 58.61 -17.07 24.97
C ALA C 135 58.26 -16.36 23.68
N SER C 136 57.94 -15.07 23.79
CA SER C 136 57.63 -14.25 22.62
C SER C 136 58.16 -12.84 22.85
N VAL C 137 59.08 -12.41 21.99
CA VAL C 137 59.55 -11.04 21.98
C VAL C 137 58.65 -10.26 21.00
N VAL C 138 58.01 -9.21 21.49
CA VAL C 138 57.01 -8.48 20.71
C VAL C 138 57.59 -7.11 20.35
N CYS C 139 57.66 -6.82 19.05
CA CYS C 139 58.18 -5.56 18.56
C CYS C 139 57.10 -4.85 17.76
N PHE C 140 56.75 -3.63 18.20
CA PHE C 140 55.76 -2.81 17.54
C PHE C 140 56.43 -1.70 16.74
N LEU C 141 55.88 -1.41 15.57
CA LEU C 141 56.35 -0.33 14.70
C LEU C 141 55.14 0.53 14.36
N ASN C 142 55.06 1.71 14.95
CA ASN C 142 53.83 2.49 14.96
C ASN C 142 53.99 3.79 14.17
N ASN C 143 52.94 4.14 13.43
CA ASN C 143 52.76 5.47 12.83
C ASN C 143 53.90 5.82 11.88
N PHE C 144 53.97 5.06 10.80
CA PHE C 144 54.93 5.31 9.72
C PHE C 144 54.21 5.42 8.39
N TYR C 145 54.89 6.04 7.42
CA TYR C 145 54.39 6.22 6.07
C TYR C 145 55.58 6.38 5.14
N PRO C 146 55.57 5.72 3.96
CA PRO C 146 54.51 4.84 3.47
C PRO C 146 54.57 3.42 4.04
N LYS C 147 53.71 2.55 3.52
CA LYS C 147 53.56 1.20 4.06
C LYS C 147 54.85 0.39 3.92
N ASP C 148 55.66 0.68 2.91
CA ASP C 148 56.87 -0.09 2.66
C ASP C 148 57.81 -0.01 3.86
N ILE C 149 58.09 -1.18 4.46
CA ILE C 149 58.99 -1.25 5.60
C ILE C 149 59.43 -2.71 5.73
N ASN C 150 60.63 -2.90 6.28
CA ASN C 150 61.15 -4.24 6.52
C ASN C 150 61.55 -4.38 7.98
N VAL C 151 61.46 -5.61 8.49
CA VAL C 151 61.78 -5.91 9.88
C VAL C 151 62.70 -7.14 9.90
N LYS C 152 63.81 -7.03 10.63
CA LYS C 152 64.72 -8.14 10.84
C LYS C 152 64.94 -8.33 12.34
N TRP C 153 65.10 -9.58 12.75
CA TRP C 153 65.43 -9.93 14.12
C TRP C 153 66.89 -10.35 14.21
N LYS C 154 67.56 -9.94 15.28
CA LYS C 154 68.97 -10.27 15.50
C LYS C 154 69.16 -10.74 16.93
N ILE C 155 69.41 -12.03 17.10
CA ILE C 155 69.69 -12.63 18.40
C ILE C 155 71.20 -12.80 18.51
N ASP C 156 71.81 -12.13 19.49
CA ASP C 156 73.26 -12.08 19.66
C ASP C 156 73.97 -11.60 18.40
N GLY C 157 73.27 -10.85 17.56
CA GLY C 157 73.81 -10.36 16.30
C GLY C 157 73.45 -11.20 15.09
N SER C 158 73.00 -12.44 15.30
CA SER C 158 72.68 -13.33 14.19
C SER C 158 71.23 -13.16 13.78
N GLU C 159 71.00 -13.03 12.46
CA GLU C 159 69.65 -12.82 11.95
C GLU C 159 68.78 -14.04 12.22
N ARG C 160 67.48 -13.76 12.42
CA ARG C 160 66.49 -14.79 12.72
C ARG C 160 65.26 -14.55 11.86
N GLN C 161 64.85 -15.55 11.09
CA GLN C 161 63.68 -15.41 10.23
C GLN C 161 62.62 -16.48 10.44
N ASN C 162 62.95 -17.66 10.97
CA ASN C 162 61.96 -18.69 11.23
C ASN C 162 61.43 -18.56 12.65
N GLY C 163 60.12 -18.57 12.79
CA GLY C 163 59.47 -18.36 14.06
C GLY C 163 58.98 -16.94 14.30
N VAL C 164 58.70 -16.19 13.24
CA VAL C 164 58.27 -14.80 13.35
C VAL C 164 56.87 -14.67 12.79
N LEU C 165 56.02 -13.95 13.51
CA LEU C 165 54.63 -13.72 13.11
C LEU C 165 54.42 -12.22 12.95
N ASN C 166 54.00 -11.80 11.77
CA ASN C 166 53.78 -10.40 11.46
C ASN C 166 52.30 -10.11 11.29
N SER C 167 51.91 -8.86 11.57
CA SER C 167 50.52 -8.43 11.44
C SER C 167 50.51 -6.96 11.09
N TRP C 168 50.11 -6.64 9.86
CA TRP C 168 49.96 -5.27 9.41
C TRP C 168 48.54 -4.78 9.66
N THR C 169 48.38 -3.46 9.75
CA THR C 169 47.09 -2.82 9.89
C THR C 169 46.78 -1.99 8.66
N ASP C 170 45.50 -1.61 8.54
CA ASP C 170 45.10 -0.67 7.50
C ASP C 170 45.56 0.73 7.87
N GLN C 171 45.21 1.69 7.02
CA GLN C 171 45.59 3.08 7.24
C GLN C 171 44.69 3.72 8.30
N ASP C 172 45.30 4.50 9.17
CA ASP C 172 44.54 5.16 10.24
C ASP C 172 43.68 6.29 9.68
N SER C 173 42.55 6.52 10.34
CA SER C 173 41.69 7.65 10.00
C SER C 173 42.11 8.94 10.70
N LYS C 174 42.96 8.85 11.71
CA LYS C 174 43.34 10.02 12.51
C LYS C 174 44.55 10.74 11.91
N ASP C 175 45.60 10.00 11.55
CA ASP C 175 46.78 10.60 10.96
C ASP C 175 47.20 9.96 9.64
N SER C 176 46.45 8.98 9.15
CA SER C 176 46.71 8.37 7.84
C SER C 176 48.07 7.67 7.80
N THR C 177 48.45 7.07 8.92
CA THR C 177 49.69 6.30 9.01
C THR C 177 49.37 4.81 8.98
N TYR C 178 50.40 3.99 9.19
CA TYR C 178 50.26 2.54 9.26
C TYR C 178 50.90 2.05 10.56
N SER C 179 50.83 0.74 10.78
CA SER C 179 51.45 0.13 11.95
C SER C 179 51.68 -1.35 11.66
N MET C 180 52.60 -1.93 12.42
CA MET C 180 52.99 -3.32 12.20
C MET C 180 53.39 -3.95 13.53
N SER C 181 52.95 -5.19 13.74
CA SER C 181 53.36 -6.00 14.87
C SER C 181 54.23 -7.15 14.39
N SER C 182 55.30 -7.42 15.12
CA SER C 182 56.24 -8.49 14.77
C SER C 182 56.61 -9.24 16.05
N THR C 183 56.13 -10.47 16.18
CA THR C 183 56.35 -11.28 17.37
C THR C 183 57.23 -12.47 17.01
N LEU C 184 58.42 -12.52 17.59
CA LEU C 184 59.32 -13.67 17.45
C LEU C 184 59.05 -14.63 18.60
N THR C 185 58.62 -15.84 18.27
CA THR C 185 58.23 -16.83 19.26
C THR C 185 59.30 -17.91 19.35
N LEU C 186 59.91 -18.04 20.52
CA LEU C 186 60.91 -19.06 20.80
C LEU C 186 60.46 -19.90 21.98
N THR C 187 61.17 -21.00 22.21
CA THR C 187 60.99 -21.77 23.42
C THR C 187 61.56 -21.00 24.61
N LYS C 188 61.21 -21.46 25.81
CA LYS C 188 61.73 -20.82 27.02
C LYS C 188 63.23 -21.05 27.15
N ASP C 189 63.69 -22.27 26.82
CA ASP C 189 65.11 -22.59 26.99
C ASP C 189 65.97 -21.80 26.01
N GLU C 190 65.61 -21.83 24.71
CA GLU C 190 66.38 -21.09 23.72
C GLU C 190 66.36 -19.59 24.01
N TYR C 191 65.28 -19.09 24.61
CA TYR C 191 65.27 -17.70 25.05
C TYR C 191 66.27 -17.47 26.16
N GLU C 192 66.29 -18.37 27.16
CA GLU C 192 67.18 -18.23 28.29
C GLU C 192 68.59 -18.72 28.03
N ARG C 193 68.94 -19.02 26.76
CA ARG C 193 70.31 -19.40 26.43
C ARG C 193 71.06 -18.36 25.60
N HIS C 194 70.37 -17.39 25.01
CA HIS C 194 71.01 -16.27 24.35
C HIS C 194 70.95 -15.04 25.25
N ASN C 195 71.61 -13.97 24.81
CA ASN C 195 71.79 -12.78 25.64
C ASN C 195 71.05 -11.56 25.12
N SER C 196 71.32 -11.16 23.88
CA SER C 196 70.81 -9.90 23.34
C SER C 196 69.75 -10.17 22.28
N TYR C 197 68.71 -9.34 22.27
CA TYR C 197 67.65 -9.43 21.28
C TYR C 197 67.46 -8.07 20.62
N THR C 198 67.39 -8.05 19.30
CA THR C 198 67.40 -6.82 18.53
C THR C 198 66.30 -6.85 17.48
N CYS C 199 65.46 -5.80 17.49
CA CYS C 199 64.44 -5.58 16.47
C CYS C 199 64.92 -4.44 15.58
N GLU C 200 65.24 -4.76 14.34
CA GLU C 200 65.78 -3.80 13.39
C GLU C 200 64.73 -3.49 12.33
N ALA C 201 64.57 -2.21 12.01
CA ALA C 201 63.54 -1.74 11.09
C ALA C 201 64.19 -0.93 9.98
N THR C 202 63.88 -1.29 8.74
CA THR C 202 64.38 -0.60 7.56
C THR C 202 63.22 0.13 6.90
N HIS C 203 63.28 1.46 6.92
CA HIS C 203 62.24 2.31 6.36
C HIS C 203 62.90 3.44 5.58
N LYS C 204 62.21 3.92 4.55
CA LYS C 204 62.79 4.89 3.62
C LYS C 204 62.95 6.28 4.23
N THR C 205 62.48 6.51 5.46
CA THR C 205 62.64 7.81 6.10
C THR C 205 64.02 8.00 6.73
N SER C 206 64.82 6.94 6.82
CA SER C 206 66.14 7.03 7.43
C SER C 206 67.07 6.05 6.73
N THR C 207 68.26 6.54 6.36
CA THR C 207 69.23 5.66 5.70
C THR C 207 69.69 4.56 6.64
N SER C 208 70.02 4.91 7.88
CA SER C 208 70.36 3.91 8.87
C SER C 208 69.08 3.26 9.41
N PRO C 209 69.09 1.95 9.63
CA PRO C 209 67.90 1.30 10.19
C PRO C 209 67.71 1.62 11.66
N ILE C 210 66.45 1.67 12.07
CA ILE C 210 66.08 1.98 13.45
C ILE C 210 66.06 0.67 14.24
N VAL C 211 66.96 0.56 15.21
CA VAL C 211 67.13 -0.67 15.98
C VAL C 211 66.62 -0.45 17.40
N LYS C 212 66.20 -1.55 18.03
CA LYS C 212 65.73 -1.54 19.42
C LYS C 212 66.13 -2.87 20.04
N SER C 213 67.06 -2.86 20.98
CA SER C 213 67.61 -4.08 21.56
C SER C 213 67.40 -4.10 23.06
N PHE C 214 67.53 -5.30 23.63
CA PHE C 214 67.50 -5.46 25.07
C PHE C 214 68.31 -6.70 25.45
N ASN C 215 68.81 -6.70 26.68
CA ASN C 215 69.53 -7.83 27.26
C ASN C 215 68.73 -8.41 28.42
N ARG C 216 68.98 -9.68 28.71
CA ARG C 216 68.23 -10.38 29.75
C ARG C 216 68.76 -10.12 31.15
N ASN C 217 70.04 -9.76 31.29
CA ASN C 217 70.66 -9.60 32.59
C ASN C 217 70.47 -8.20 33.17
N GLU C 218 69.60 -7.38 32.60
CA GLU C 218 69.44 -6.00 33.03
C GLU C 218 68.02 -5.75 33.53
N CYS C 219 67.89 -4.78 34.43
CA CYS C 219 66.61 -4.42 35.06
C CYS C 219 65.96 -5.62 35.73
C10 8QX D . -42.28 6.82 3.60
C15 8QX D . -41.21 8.83 4.35
C22 8QX D . -39.07 9.60 -3.02
C24 8QX D . -37.86 8.23 -4.69
C26 8QX D . -37.97 5.76 -4.61
C28 8QX D . -39.18 4.82 -3.02
C01 8QX D . -41.44 10.49 -4.52
C02 8QX D . -41.50 10.13 -3.04
N03 8QX D . -42.69 10.24 -2.43
C04 8QX D . -42.86 9.94 -1.09
C05 8QX D . -44.15 10.05 -0.44
C06 8QX D . -44.21 9.72 0.92
C07 8QX D . -43.05 9.30 1.60
O08 8QX D . -43.24 9.00 2.99
C09 8QX D . -42.22 8.21 3.64
C11 8QX D . -41.31 6.06 4.25
C12 8QX D . -40.29 6.68 4.95
C14 8QX D . -40.24 8.07 5.00
N17 8QX D . -41.86 9.20 0.97
C18 8QX D . -41.76 9.53 -0.38
C19 8QX D . -40.51 9.42 -1.07
O20 8QX D . -39.54 9.07 -0.47
N21 8QX D . -40.41 9.73 -2.36
C23 8QX D . -39.01 8.26 -3.82
C25 8QX D . -37.84 7.02 -5.47
N27 8QX D . -39.08 5.83 -3.69
C29 8QX D . -38.00 4.64 -2.06
C30 8QX D . -40.54 4.76 -2.32
C31 8QX D . -39.04 7.04 -2.89
BR1 8QX D . -38.92 5.62 5.86
F16 8QX D . -41.16 10.20 4.40
#